data_3E59
#
_entry.id   3E59
#
_cell.length_a   56.226
_cell.length_b   132.530
_cell.length_c   96.897
_cell.angle_alpha   90.00
_cell.angle_beta   97.93
_cell.angle_gamma   90.00
#
_symmetry.space_group_name_H-M   'P 1 21 1'
#
loop_
_entity.id
_entity.type
_entity.pdbx_description
1 polymer 'Pyoverdine biosynthesis protein PvcA'
2 non-polymer 'PHOSPHATE ION'
3 non-polymer 'TRIETHYLENE GLYCOL'
4 water water
#
_entity_poly.entity_id   1
_entity_poly.type   'polypeptide(L)'
_entity_poly.pdbx_seq_one_letter_code
;GHMYAIAEDTLPARVLKELLLYRRRYPEHRQSASEADEIRRIEQVQLPRIAAFIEAGEPIEFVLPAFPAKSPNPGKVLDS
RPDMAERLSLSFLNHLCQRIQLFYAPGAKITVCSDGRVFGDLVRIGDAHISAYQDALRLMIEEIGATHIGVFNLEDVRAF
EAQRDNHEQLRQLLIGGYAEPLESIRETLLASEEGLLLYRAITRFLYEDGLTPDYQGSKTALQRDAKERAYGVIQRSWAW
GALLADQFPRAIRLSIHPQPADSLKFGIHMMPTRDDWLTPWHGVAVNTEDRFVLMKRSEVLELGGELVQINGQPSHYRLP
ARAARRAAVA
;
_entity_poly.pdbx_strand_id   A,B,C,D
#
# COMPACT_ATOMS: atom_id res chain seq x y z
N ASP A 9 7.63 16.49 30.34
CA ASP A 9 8.28 15.16 30.50
C ASP A 9 7.72 14.16 29.48
N THR A 10 7.06 13.09 29.94
CA THR A 10 6.46 12.02 29.09
C THR A 10 7.45 11.26 28.21
N LEU A 11 7.45 9.92 28.36
CA LEU A 11 8.35 9.04 27.58
C LEU A 11 8.36 9.32 26.08
N PRO A 12 7.17 9.39 25.42
CA PRO A 12 7.12 9.77 24.01
C PRO A 12 7.73 11.13 23.70
N ALA A 13 7.49 12.13 24.55
CA ALA A 13 8.05 13.47 24.34
C ALA A 13 9.57 13.53 24.57
N ARG A 14 10.07 12.64 25.42
CA ARG A 14 11.51 12.54 25.70
C ARG A 14 12.24 11.94 24.49
N VAL A 15 11.62 10.94 23.86
CA VAL A 15 12.16 10.37 22.62
C VAL A 15 12.26 11.49 21.58
N LEU A 16 11.18 12.24 21.41
CA LEU A 16 11.10 13.27 20.38
C LEU A 16 12.14 14.36 20.64
N LYS A 17 12.25 14.79 21.89
CA LYS A 17 13.23 15.82 22.29
C LYS A 17 14.65 15.40 21.94
N GLU A 18 14.91 14.10 22.06
CA GLU A 18 16.17 13.49 21.62
C GLU A 18 16.42 13.62 20.10
N LEU A 19 15.38 13.43 19.29
CA LEU A 19 15.47 13.59 17.84
C LEU A 19 15.58 15.06 17.42
N LEU A 20 14.85 15.93 18.13
CA LEU A 20 14.74 17.34 17.77
C LEU A 20 16.08 18.09 17.82
N LEU A 21 16.99 17.63 18.69
CA LEU A 21 18.36 18.13 18.78
C LEU A 21 19.14 18.01 17.47
N TYR A 22 18.80 17.02 16.65
CA TYR A 22 19.55 16.69 15.43
C TYR A 22 18.73 16.89 14.14
N ARG A 23 17.68 17.69 14.22
CA ARG A 23 16.75 17.84 13.10
C ARG A 23 17.35 18.69 11.97
N ARG A 24 17.22 18.20 10.74
CA ARG A 24 17.53 19.01 9.56
C ARG A 24 16.40 19.98 9.32
N ARG A 25 16.74 21.26 9.16
CA ARG A 25 15.78 22.31 8.80
C ARG A 25 16.15 22.81 7.42
N TYR A 26 15.18 23.37 6.68
CA TYR A 26 15.48 24.05 5.42
C TYR A 26 16.36 25.27 5.73
N PRO A 27 17.54 25.39 5.08
CA PRO A 27 18.42 26.55 5.31
C PRO A 27 17.64 27.86 5.19
N GLU A 28 16.69 27.91 4.27
CA GLU A 28 15.85 29.09 4.03
C GLU A 28 14.96 29.49 5.24
N HIS A 29 14.75 28.56 6.16
CA HIS A 29 13.90 28.81 7.34
C HIS A 29 14.68 29.18 8.60
N ARG A 30 15.99 28.98 8.59
CA ARG A 30 16.81 29.16 9.80
C ARG A 30 16.89 30.60 10.31
N GLN A 31 17.05 31.56 9.38
CA GLN A 31 17.31 32.97 9.73
C GLN A 31 16.15 33.70 10.41
N SER A 32 14.91 33.44 9.96
CA SER A 32 13.76 34.14 10.52
C SER A 32 12.44 33.37 10.70
N ALA A 33 12.34 32.16 10.14
CA ALA A 33 11.16 31.32 10.41
C ALA A 33 11.13 30.77 11.85
N SER A 34 9.93 30.70 12.42
CA SER A 34 9.74 30.34 13.83
C SER A 34 9.87 28.83 14.04
N GLU A 35 10.95 28.43 14.70
CA GLU A 35 11.22 27.00 14.95
C GLU A 35 10.22 26.36 15.93
N ALA A 36 9.69 27.19 16.83
CA ALA A 36 8.70 26.75 17.82
C ALA A 36 7.37 26.34 17.19
N ASP A 37 6.98 27.02 16.12
CA ASP A 37 5.79 26.67 15.34
C ASP A 37 6.02 25.35 14.61
N GLU A 38 7.23 25.16 14.10
CA GLU A 38 7.64 23.91 13.46
C GLU A 38 7.60 22.75 14.44
N ILE A 39 8.10 22.98 15.65
CA ILE A 39 8.16 21.96 16.70
C ILE A 39 6.74 21.54 17.14
N ARG A 40 5.85 22.51 17.29
CA ARG A 40 4.46 22.25 17.62
C ARG A 40 3.79 21.28 16.63
N ARG A 41 3.94 21.53 15.33
CA ARG A 41 3.31 20.63 14.36
C ARG A 41 4.06 19.30 14.20
N ILE A 42 5.35 19.29 14.51
CA ILE A 42 6.11 18.04 14.60
C ILE A 42 5.56 17.14 15.73
N GLU A 43 5.29 17.75 16.88
CA GLU A 43 4.73 17.03 18.04
C GLU A 43 3.41 16.36 17.73
N GLN A 44 2.55 17.06 16.99
CA GLN A 44 1.24 16.54 16.59
C GLN A 44 1.38 15.27 15.74
N VAL A 45 2.34 15.28 14.82
CA VAL A 45 2.53 14.16 13.90
C VAL A 45 3.28 12.99 14.55
N GLN A 46 4.39 13.29 15.22
CA GLN A 46 5.33 12.24 15.61
C GLN A 46 4.99 11.56 16.92
N LEU A 47 4.45 12.33 17.87
CA LEU A 47 4.21 11.82 19.23
C LEU A 47 3.28 10.60 19.37
N PRO A 48 2.11 10.61 18.70
CA PRO A 48 1.31 9.38 18.81
C PRO A 48 1.97 8.18 18.09
N ARG A 49 2.80 8.44 17.09
CA ARG A 49 3.51 7.38 16.34
C ARG A 49 4.56 6.68 17.23
N ILE A 50 5.34 7.49 17.96
CA ILE A 50 6.31 6.98 18.94
C ILE A 50 5.55 6.28 20.08
N ALA A 51 4.48 6.93 20.53
CA ALA A 51 3.69 6.45 21.67
C ALA A 51 3.07 5.06 21.39
N ALA A 52 2.80 4.77 20.12
CA ALA A 52 2.27 3.47 19.70
C ALA A 52 3.20 2.32 20.11
N PHE A 53 4.50 2.49 19.86
CA PHE A 53 5.49 1.48 20.28
C PHE A 53 5.57 1.36 21.80
N ILE A 54 5.59 2.49 22.48
CA ILE A 54 5.76 2.55 23.94
C ILE A 54 4.59 1.89 24.69
N GLU A 55 3.37 2.15 24.20
CA GLU A 55 2.15 1.57 24.78
C GLU A 55 2.15 0.04 24.64
N ALA A 56 2.76 -0.46 23.57
CA ALA A 56 2.84 -1.90 23.34
C ALA A 56 4.07 -2.55 23.97
N GLY A 57 4.88 -1.76 24.69
CA GLY A 57 6.12 -2.25 25.29
C GLY A 57 7.09 -2.81 24.27
N GLU A 58 7.01 -2.31 23.03
CA GLU A 58 7.84 -2.79 21.94
C GLU A 58 8.99 -1.80 21.71
N PRO A 59 10.11 -2.28 21.13
CA PRO A 59 11.17 -1.33 20.80
C PRO A 59 10.70 -0.35 19.72
N ILE A 60 11.16 0.90 19.78
CA ILE A 60 10.76 1.90 18.80
C ILE A 60 11.51 1.67 17.47
N GLU A 61 10.75 1.46 16.39
CA GLU A 61 11.33 1.27 15.06
C GLU A 61 11.44 2.61 14.32
N PHE A 62 12.63 2.83 13.75
CA PHE A 62 12.92 3.92 12.83
C PHE A 62 13.31 3.33 11.46
N VAL A 63 12.80 3.95 10.40
CA VAL A 63 13.19 3.64 9.02
C VAL A 63 13.92 4.85 8.47
N LEU A 64 15.07 4.60 7.84
CA LEU A 64 15.90 5.66 7.26
C LEU A 64 16.38 5.33 5.84
N PRO A 65 15.76 5.93 4.81
CA PRO A 65 16.29 5.78 3.46
C PRO A 65 17.55 6.64 3.31
N ALA A 66 18.69 5.97 3.10
CA ALA A 66 20.00 6.64 3.13
C ALA A 66 21.13 5.68 2.75
N PHE A 67 22.35 6.21 2.67
CA PHE A 67 23.56 5.43 2.40
C PHE A 67 23.46 4.61 1.09
N PRO A 68 23.21 5.29 -0.04
CA PRO A 68 23.08 4.56 -1.32
C PRO A 68 24.40 4.10 -1.91
N ALA A 69 25.36 5.03 -1.99
CA ALA A 69 26.67 4.81 -2.59
C ALA A 69 27.31 6.16 -2.55
N LYS A 70 28.63 6.18 -2.66
CA LYS A 70 29.36 7.44 -2.74
C LYS A 70 29.01 8.17 -4.06
N SER A 71 29.02 9.50 -4.02
CA SER A 71 28.94 10.28 -5.27
C SER A 71 29.97 9.78 -6.29
N PRO A 72 29.59 9.72 -7.59
CA PRO A 72 30.53 9.22 -8.60
C PRO A 72 31.60 10.25 -8.95
N ASN A 73 31.48 11.46 -8.42
CA ASN A 73 32.41 12.54 -8.68
C ASN A 73 33.63 12.42 -7.76
N PRO A 74 34.82 12.12 -8.33
CA PRO A 74 36.04 11.98 -7.52
C PRO A 74 36.47 13.29 -6.85
N GLY A 75 35.90 14.41 -7.28
CA GLY A 75 36.22 15.70 -6.69
C GLY A 75 35.42 15.99 -5.43
N LYS A 76 34.41 15.16 -5.15
CA LYS A 76 33.50 15.37 -4.00
C LYS A 76 33.77 14.43 -2.82
N VAL A 77 34.31 13.24 -3.13
CA VAL A 77 34.53 12.18 -2.15
C VAL A 77 35.98 11.68 -2.25
N LEU A 78 36.46 11.02 -1.19
CA LEU A 78 37.83 10.46 -1.19
C LEU A 78 37.97 9.22 -2.06
N ASP A 79 36.97 8.34 -2.00
CA ASP A 79 36.99 7.09 -2.77
C ASP A 79 35.55 6.60 -2.88
N SER A 80 35.34 5.46 -3.54
CA SER A 80 34.01 4.91 -3.71
C SER A 80 33.51 4.13 -2.49
N ARG A 81 34.40 3.83 -1.56
CA ARG A 81 34.01 3.03 -0.41
C ARG A 81 33.58 3.94 0.76
N PRO A 82 32.74 3.40 1.67
CA PRO A 82 32.44 4.11 2.92
C PRO A 82 33.72 4.50 3.68
N ASP A 83 33.74 5.67 4.31
CA ASP A 83 34.93 6.12 5.04
C ASP A 83 34.56 6.71 6.41
N MET A 84 35.44 7.53 6.97
CA MET A 84 35.20 8.14 8.30
C MET A 84 33.86 8.92 8.38
N ALA A 85 33.44 9.52 7.28
CA ALA A 85 32.13 10.19 7.24
C ALA A 85 30.96 9.19 7.48
N GLU A 86 30.93 8.08 6.74
CA GLU A 86 29.94 7.03 7.02
C GLU A 86 30.09 6.47 8.43
N ARG A 87 31.34 6.24 8.84
CA ARG A 87 31.64 5.55 10.11
C ARG A 87 31.09 6.32 11.29
N LEU A 88 31.38 7.61 11.34
CA LEU A 88 30.89 8.44 12.45
C LEU A 88 29.39 8.67 12.39
N SER A 89 28.82 8.70 11.18
CA SER A 89 27.38 8.83 11.04
C SER A 89 26.65 7.58 11.56
N LEU A 90 27.15 6.40 11.19
CA LEU A 90 26.53 5.14 11.65
C LEU A 90 26.70 4.94 13.14
N SER A 91 27.85 5.39 13.67
CA SER A 91 28.11 5.29 15.10
C SER A 91 27.16 6.22 15.86
N PHE A 92 26.94 7.42 15.32
CA PHE A 92 25.98 8.36 15.89
C PHE A 92 24.57 7.77 16.00
N LEU A 93 24.13 7.11 14.93
CA LEU A 93 22.77 6.58 14.86
C LEU A 93 22.60 5.48 15.88
N ASN A 94 23.64 4.66 16.03
CA ASN A 94 23.63 3.64 17.05
C ASN A 94 23.56 4.21 18.46
N HIS A 95 24.29 5.29 18.72
CA HIS A 95 24.31 5.88 20.07
C HIS A 95 22.98 6.56 20.40
N LEU A 96 22.35 7.15 19.38
CA LEU A 96 21.00 7.68 19.50
C LEU A 96 20.01 6.61 20.06
N CYS A 97 20.11 5.39 19.53
CA CYS A 97 19.26 4.27 19.97
C CYS A 97 19.58 3.90 21.42
N GLN A 98 20.87 3.92 21.78
CA GLN A 98 21.31 3.63 23.15
C GLN A 98 20.80 4.68 24.15
N ARG A 99 20.89 5.95 23.78
CA ARG A 99 20.34 7.03 24.65
C ARG A 99 18.84 6.90 24.91
N ILE A 100 18.06 6.51 23.90
CA ILE A 100 16.64 6.20 24.05
C ILE A 100 16.46 5.02 25.02
N GLN A 101 17.28 3.99 24.88
CA GLN A 101 17.21 2.81 25.73
C GLN A 101 17.54 3.09 27.23
N LEU A 102 18.16 4.24 27.49
CA LEU A 102 18.49 4.65 28.85
C LEU A 102 17.24 4.90 29.69
N PHE A 103 16.20 5.47 29.09
CA PHE A 103 14.92 5.69 29.77
C PHE A 103 13.78 4.77 29.31
N TYR A 104 13.91 4.18 28.12
CA TYR A 104 12.92 3.21 27.61
C TYR A 104 13.56 1.85 27.33
N ALA A 105 13.51 0.98 28.34
CA ALA A 105 14.19 -0.33 28.33
C ALA A 105 14.09 -1.18 27.05
N PRO A 106 12.88 -1.30 26.44
CA PRO A 106 12.81 -2.02 25.15
C PRO A 106 13.69 -1.42 24.04
N GLY A 107 13.96 -0.12 24.14
CA GLY A 107 14.95 0.53 23.30
C GLY A 107 14.43 0.97 21.95
N ALA A 108 15.34 0.99 20.98
CA ALA A 108 15.03 1.46 19.64
C ALA A 108 15.94 0.81 18.60
N LYS A 109 15.45 0.82 17.37
CA LYS A 109 16.09 0.17 16.26
C LYS A 109 16.01 1.14 15.10
N ILE A 110 17.12 1.32 14.38
CA ILE A 110 17.08 2.08 13.13
C ILE A 110 17.46 1.16 11.98
N THR A 111 16.53 1.01 11.04
CA THR A 111 16.82 0.25 9.84
C THR A 111 17.20 1.22 8.73
N VAL A 112 18.45 1.11 8.29
CA VAL A 112 18.93 1.86 7.14
C VAL A 112 18.38 1.21 5.88
N CYS A 113 17.50 1.92 5.19
CA CYS A 113 16.87 1.39 3.99
C CYS A 113 17.57 1.97 2.76
N SER A 114 18.69 1.35 2.41
CA SER A 114 19.52 1.85 1.33
C SER A 114 18.73 2.03 0.05
N ASP A 115 18.88 3.21 -0.56
CA ASP A 115 18.25 3.51 -1.84
C ASP A 115 19.23 3.42 -3.01
N GLY A 116 20.36 2.74 -2.79
CA GLY A 116 21.42 2.64 -3.80
C GLY A 116 20.90 1.94 -5.03
N ARG A 117 20.15 0.87 -4.81
CA ARG A 117 19.62 0.07 -5.89
C ARG A 117 18.45 0.72 -6.61
N VAL A 118 17.74 1.64 -5.96
CA VAL A 118 16.48 2.19 -6.53
C VAL A 118 16.67 3.09 -7.77
N PHE A 119 17.83 3.74 -7.86
CA PHE A 119 18.07 4.77 -8.90
C PHE A 119 18.46 4.23 -10.29
N GLY A 120 19.39 3.29 -10.29
CA GLY A 120 19.89 2.72 -11.54
C GLY A 120 20.73 3.73 -12.27
N ASP A 121 20.40 3.93 -13.54
CA ASP A 121 21.15 4.82 -14.44
C ASP A 121 20.89 6.29 -14.19
N LEU A 122 20.02 6.60 -13.21
CA LEU A 122 19.65 7.99 -12.95
C LEU A 122 20.76 8.78 -12.26
N VAL A 123 21.46 8.14 -11.33
CA VAL A 123 22.61 8.78 -10.66
C VAL A 123 23.96 8.29 -11.22
N ARG A 124 23.91 7.25 -12.04
CA ARG A 124 25.06 6.77 -12.82
C ARG A 124 26.16 6.13 -11.96
N ILE A 125 25.74 5.29 -11.04
CA ILE A 125 26.64 4.45 -10.28
C ILE A 125 26.23 3.04 -10.66
N GLY A 126 27.19 2.25 -11.16
CA GLY A 126 26.92 0.88 -11.62
C GLY A 126 26.52 -0.03 -10.47
N ASP A 127 25.79 -1.10 -10.79
CA ASP A 127 25.28 -2.02 -9.77
C ASP A 127 26.36 -2.73 -8.96
N ALA A 128 27.54 -2.92 -9.57
CA ALA A 128 28.71 -3.50 -8.90
C ALA A 128 29.21 -2.56 -7.83
N HIS A 129 29.25 -1.26 -8.13
CA HIS A 129 29.65 -0.27 -7.15
C HIS A 129 28.70 -0.23 -5.96
N ILE A 130 27.39 -0.27 -6.26
CA ILE A 130 26.36 -0.30 -5.22
C ILE A 130 26.50 -1.53 -4.32
N SER A 131 26.65 -2.71 -4.93
CA SER A 131 26.86 -3.95 -4.17
C SER A 131 28.10 -3.89 -3.28
N ALA A 132 29.19 -3.33 -3.78
CA ALA A 132 30.43 -3.18 -3.00
C ALA A 132 30.24 -2.21 -1.81
N TYR A 133 29.52 -1.11 -2.06
CA TYR A 133 29.21 -0.14 -1.01
C TYR A 133 28.32 -0.75 0.08
N GLN A 134 27.30 -1.50 -0.38
N GLN A 134 27.30 -1.52 -0.32
CA GLN A 134 26.38 -2.23 0.52
CA GLN A 134 26.42 -2.14 0.66
C GLN A 134 27.15 -3.15 1.46
C GLN A 134 27.12 -3.21 1.50
N ASP A 135 28.03 -3.97 0.88
CA ASP A 135 28.81 -4.97 1.61
C ASP A 135 29.77 -4.31 2.59
N ALA A 136 30.39 -3.23 2.15
CA ALA A 136 31.34 -2.49 2.97
C ALA A 136 30.66 -1.72 4.11
N LEU A 137 29.44 -1.23 3.87
CA LEU A 137 28.66 -0.54 4.91
C LEU A 137 28.27 -1.48 6.05
N ARG A 138 27.75 -2.67 5.70
CA ARG A 138 27.45 -3.74 6.66
C ARG A 138 28.66 -4.12 7.50
N LEU A 139 29.81 -4.25 6.84
CA LEU A 139 31.06 -4.60 7.50
C LEU A 139 31.45 -3.49 8.48
N MET A 140 31.20 -2.24 8.08
CA MET A 140 31.47 -1.08 8.93
C MET A 140 30.57 -1.10 10.17
N ILE A 141 29.31 -1.48 9.98
CA ILE A 141 28.39 -1.62 11.10
C ILE A 141 28.93 -2.61 12.15
N GLU A 142 29.42 -3.77 11.67
CA GLU A 142 29.99 -4.78 12.55
C GLU A 142 31.21 -4.30 13.33
N GLU A 143 32.12 -3.59 12.66
CA GLU A 143 33.36 -3.18 13.33
C GLU A 143 33.25 -1.99 14.29
N ILE A 144 32.22 -1.16 14.14
CA ILE A 144 31.96 -0.15 15.16
C ILE A 144 31.24 -0.77 16.34
N GLY A 145 30.67 -1.97 16.16
CA GLY A 145 29.99 -2.70 17.22
C GLY A 145 28.55 -2.25 17.37
N ALA A 146 27.96 -1.76 16.28
CA ALA A 146 26.60 -1.25 16.31
C ALA A 146 25.63 -2.41 16.26
N THR A 147 24.79 -2.52 17.28
CA THR A 147 23.81 -3.60 17.33
C THR A 147 22.36 -3.11 17.09
N HIS A 148 22.15 -1.80 16.99
CA HIS A 148 20.77 -1.28 16.84
C HIS A 148 20.50 -0.77 15.44
N ILE A 149 21.45 -1.06 14.56
CA ILE A 149 21.40 -0.60 13.17
C ILE A 149 21.24 -1.81 12.27
N GLY A 150 20.11 -1.87 11.57
CA GLY A 150 19.90 -2.89 10.54
C GLY A 150 19.99 -2.29 9.14
N VAL A 151 20.10 -3.15 8.14
CA VAL A 151 20.10 -2.74 6.74
C VAL A 151 19.00 -3.48 6.00
N PHE A 152 18.27 -2.75 5.16
CA PHE A 152 17.25 -3.31 4.29
C PHE A 152 17.49 -2.73 2.90
N ASN A 153 17.85 -3.59 1.95
CA ASN A 153 18.07 -3.18 0.56
C ASN A 153 16.87 -3.56 -0.30
N LEU A 154 16.81 -3.04 -1.52
CA LEU A 154 15.71 -3.39 -2.44
C LEU A 154 15.56 -4.90 -2.66
N GLU A 155 16.68 -5.62 -2.64
CA GLU A 155 16.69 -7.06 -2.91
C GLU A 155 16.21 -7.91 -1.74
N ASP A 156 16.04 -7.27 -0.58
CA ASP A 156 15.51 -7.94 0.60
C ASP A 156 13.98 -7.97 0.63
N VAL A 157 13.35 -7.26 -0.31
CA VAL A 157 11.89 -7.26 -0.42
C VAL A 157 11.41 -8.67 -0.74
N ARG A 158 10.78 -9.29 0.27
CA ARG A 158 10.31 -10.68 0.18
C ARG A 158 9.44 -10.91 -1.06
N ALA A 159 8.58 -9.95 -1.37
CA ALA A 159 7.64 -10.08 -2.50
C ALA A 159 8.34 -10.10 -3.86
N PHE A 160 9.54 -9.54 -3.91
CA PHE A 160 10.34 -9.44 -5.15
C PHE A 160 11.43 -10.52 -5.23
N GLU A 161 11.30 -11.57 -4.41
CA GLU A 161 12.34 -12.59 -4.20
C GLU A 161 12.96 -13.17 -5.49
N ALA A 162 12.12 -13.66 -6.40
CA ALA A 162 12.56 -14.24 -7.67
C ALA A 162 13.52 -13.34 -8.45
N GLN A 163 13.33 -12.03 -8.32
CA GLN A 163 14.09 -11.04 -9.10
C GLN A 163 15.24 -10.42 -8.33
N ARG A 164 15.59 -11.06 -7.21
CA ARG A 164 16.54 -10.54 -6.23
C ARG A 164 17.93 -10.19 -6.79
N ASP A 165 18.42 -10.98 -7.73
CA ASP A 165 19.75 -10.75 -8.31
C ASP A 165 19.73 -10.13 -9.71
N ASN A 166 18.55 -9.72 -10.17
CA ASN A 166 18.40 -9.06 -11.47
C ASN A 166 17.99 -7.63 -11.24
N HIS A 167 18.97 -6.76 -11.23
CA HIS A 167 18.82 -5.42 -10.67
C HIS A 167 17.83 -4.53 -11.43
N GLU A 168 17.86 -4.59 -12.77
CA GLU A 168 16.92 -3.82 -13.58
C GLU A 168 15.46 -4.26 -13.40
N GLN A 169 15.25 -5.57 -13.27
CA GLN A 169 13.91 -6.10 -12.94
C GLN A 169 13.42 -5.76 -11.53
N LEU A 170 14.35 -5.62 -10.58
CA LEU A 170 14.01 -5.18 -9.24
C LEU A 170 13.47 -3.75 -9.30
N ARG A 171 14.24 -2.88 -9.97
CA ARG A 171 13.86 -1.51 -10.19
C ARG A 171 12.49 -1.39 -10.86
N GLN A 172 12.25 -2.22 -11.88
CA GLN A 172 10.96 -2.24 -12.57
C GLN A 172 9.80 -2.73 -11.69
N LEU A 173 10.09 -3.64 -10.77
CA LEU A 173 9.10 -4.06 -9.77
C LEU A 173 8.74 -2.95 -8.78
N LEU A 174 9.73 -2.17 -8.34
CA LEU A 174 9.51 -0.98 -7.51
C LEU A 174 8.68 0.10 -8.23
N ILE A 175 9.08 0.40 -9.46
CA ILE A 175 8.40 1.35 -10.31
C ILE A 175 6.95 0.92 -10.59
N GLY A 176 6.78 -0.32 -11.05
CA GLY A 176 5.45 -0.85 -11.37
C GLY A 176 4.49 -0.80 -10.21
N GLY A 177 4.98 -1.12 -9.02
CA GLY A 177 4.14 -1.20 -7.83
C GLY A 177 3.94 0.11 -7.12
N TYR A 178 4.96 0.97 -7.13
CA TYR A 178 5.05 2.11 -6.20
C TYR A 178 5.31 3.53 -6.79
N ALA A 179 5.75 3.63 -8.04
CA ALA A 179 6.04 4.96 -8.63
C ALA A 179 4.80 5.67 -9.17
N GLU A 180 4.77 6.99 -9.05
CA GLU A 180 3.75 7.78 -9.76
C GLU A 180 4.38 8.24 -11.08
N PRO A 181 3.56 8.52 -12.12
CA PRO A 181 4.11 9.07 -13.37
C PRO A 181 4.86 10.39 -13.19
N LEU A 182 5.88 10.64 -14.01
CA LEU A 182 6.70 11.84 -13.91
C LEU A 182 5.87 13.12 -13.93
N GLU A 183 4.82 13.14 -14.74
CA GLU A 183 3.87 14.27 -14.77
C GLU A 183 3.28 14.54 -13.39
N SER A 184 2.94 13.48 -12.66
CA SER A 184 2.42 13.66 -11.31
C SER A 184 3.50 14.01 -10.26
N ILE A 185 4.72 13.51 -10.44
CA ILE A 185 5.83 13.92 -9.55
C ILE A 185 6.02 15.42 -9.64
N ARG A 186 6.04 15.92 -10.88
CA ARG A 186 6.18 17.34 -11.15
C ARG A 186 5.06 18.18 -10.54
N GLU A 187 3.80 17.75 -10.69
CA GLU A 187 2.65 18.47 -10.15
C GLU A 187 2.74 18.62 -8.62
N THR A 188 3.14 17.54 -7.95
CA THR A 188 3.39 17.52 -6.50
C THR A 188 4.52 18.49 -6.08
N LEU A 189 5.65 18.44 -6.76
CA LEU A 189 6.79 19.35 -6.44
C LEU A 189 6.37 20.81 -6.55
N LEU A 190 5.60 21.13 -7.59
CA LEU A 190 5.13 22.50 -7.84
C LEU A 190 4.02 22.98 -6.90
N ALA A 191 3.48 22.08 -6.07
CA ALA A 191 2.36 22.38 -5.19
C ALA A 191 2.75 23.05 -3.89
N SER A 192 4.04 23.03 -3.55
CA SER A 192 4.47 23.65 -2.29
C SER A 192 5.88 24.26 -2.34
N GLU A 193 6.12 25.20 -1.44
CA GLU A 193 7.44 25.77 -1.18
C GLU A 193 8.49 24.69 -1.07
N GLU A 194 8.22 23.69 -0.21
CA GLU A 194 9.17 22.64 0.15
C GLU A 194 9.40 21.65 -0.97
N GLY A 195 8.36 21.42 -1.78
CA GLY A 195 8.50 20.62 -2.98
C GLY A 195 9.52 21.25 -3.93
N LEU A 196 9.40 22.55 -4.14
CA LEU A 196 10.37 23.25 -5.00
C LEU A 196 11.77 23.31 -4.39
N LEU A 197 11.84 23.40 -3.06
CA LEU A 197 13.11 23.42 -2.34
C LEU A 197 13.81 22.09 -2.51
N LEU A 198 13.05 20.99 -2.44
CA LEU A 198 13.56 19.66 -2.71
C LEU A 198 14.04 19.51 -4.15
N TYR A 199 13.19 19.85 -5.11
CA TYR A 199 13.58 19.80 -6.51
C TYR A 199 14.92 20.53 -6.76
N ARG A 200 15.07 21.74 -6.21
CA ARG A 200 16.31 22.52 -6.37
C ARG A 200 17.54 21.83 -5.76
N ALA A 201 17.34 21.18 -4.62
CA ALA A 201 18.43 20.51 -3.92
C ALA A 201 18.90 19.26 -4.65
N ILE A 202 17.94 18.44 -5.08
CA ILE A 202 18.24 17.24 -5.85
C ILE A 202 18.93 17.58 -7.18
N THR A 203 18.47 18.65 -7.82
CA THR A 203 19.13 19.16 -9.04
C THR A 203 20.60 19.48 -8.72
N ARG A 204 20.82 20.15 -7.60
CA ARG A 204 22.18 20.54 -7.23
C ARG A 204 23.11 19.35 -7.00
N PHE A 205 22.62 18.27 -6.36
CA PHE A 205 23.42 17.06 -6.15
C PHE A 205 23.82 16.45 -7.49
N LEU A 206 22.85 16.32 -8.38
CA LEU A 206 23.09 15.77 -9.71
C LEU A 206 24.04 16.63 -10.54
N TYR A 207 23.83 17.94 -10.50
CA TYR A 207 24.71 18.86 -11.21
C TYR A 207 26.15 18.79 -10.67
N GLU A 208 26.29 18.84 -9.35
CA GLU A 208 27.60 18.76 -8.71
C GLU A 208 28.28 17.41 -8.90
N ASP A 209 27.50 16.33 -8.95
CA ASP A 209 28.01 15.01 -9.33
C ASP A 209 28.66 15.01 -10.72
N GLY A 210 28.11 15.80 -11.64
CA GLY A 210 28.61 15.87 -13.02
C GLY A 210 29.75 16.86 -13.21
N LEU A 211 29.90 17.78 -12.28
CA LEU A 211 30.96 18.79 -12.30
C LEU A 211 32.27 18.21 -11.81
N THR A 212 32.76 17.19 -12.51
CA THR A 212 34.04 16.57 -12.19
C THR A 212 35.16 17.59 -12.44
N PRO A 213 36.15 17.69 -11.53
CA PRO A 213 37.24 18.68 -11.71
C PRO A 213 37.85 18.67 -13.12
N ASP A 214 37.78 17.52 -13.77
CA ASP A 214 38.27 17.32 -15.13
C ASP A 214 37.23 17.66 -16.23
N TYR A 215 35.97 17.86 -15.83
CA TYR A 215 34.88 18.23 -16.77
C TYR A 215 35.21 19.53 -17.49
N GLN A 216 35.17 19.49 -18.81
CA GLN A 216 35.48 20.68 -19.61
C GLN A 216 34.34 21.06 -20.54
N GLY A 217 33.19 20.40 -20.37
CA GLY A 217 32.02 20.71 -21.19
C GLY A 217 31.20 21.88 -20.70
N SER A 218 30.05 22.07 -21.31
CA SER A 218 29.12 23.14 -20.96
C SER A 218 28.48 22.96 -19.58
N LYS A 219 28.55 23.99 -18.75
CA LYS A 219 27.90 23.96 -17.44
C LYS A 219 26.40 24.06 -17.57
N THR A 220 25.96 24.93 -18.46
CA THR A 220 24.54 25.11 -18.78
C THR A 220 23.85 23.81 -19.22
N ALA A 221 24.54 23.01 -20.03
CA ALA A 221 24.03 21.72 -20.49
C ALA A 221 23.97 20.71 -19.35
N LEU A 222 24.97 20.77 -18.46
CA LEU A 222 24.99 19.94 -17.26
C LEU A 222 23.81 20.27 -16.35
N GLN A 223 23.55 21.55 -16.16
CA GLN A 223 22.43 22.00 -15.31
C GLN A 223 21.06 21.55 -15.85
N ARG A 224 20.89 21.64 -17.17
CA ARG A 224 19.65 21.23 -17.82
C ARG A 224 19.45 19.72 -17.75
N ASP A 225 20.52 18.97 -17.96
CA ASP A 225 20.50 17.53 -17.71
C ASP A 225 20.09 17.17 -16.28
N ALA A 226 20.70 17.83 -15.30
CA ALA A 226 20.40 17.58 -13.89
C ALA A 226 18.95 17.88 -13.54
N LYS A 227 18.42 18.96 -14.12
CA LYS A 227 17.03 19.34 -13.89
C LYS A 227 16.06 18.24 -14.36
N GLU A 228 16.35 17.64 -15.51
CA GLU A 228 15.51 16.57 -16.03
C GLU A 228 15.63 15.31 -15.19
N ARG A 229 16.85 14.91 -14.85
CA ARG A 229 17.06 13.71 -14.04
C ARG A 229 16.57 13.81 -12.60
N ALA A 230 16.51 15.02 -12.05
CA ALA A 230 16.01 15.24 -10.69
C ALA A 230 14.56 14.78 -10.49
N TYR A 231 13.70 14.94 -11.50
CA TYR A 231 12.35 14.35 -11.45
C TYR A 231 12.37 12.83 -11.26
N GLY A 232 13.22 12.14 -12.01
CA GLY A 232 13.36 10.68 -11.92
C GLY A 232 13.84 10.21 -10.55
N VAL A 233 14.86 10.87 -10.02
CA VAL A 233 15.42 10.55 -8.70
C VAL A 233 14.37 10.69 -7.59
N ILE A 234 13.65 11.80 -7.59
CA ILE A 234 12.52 12.02 -6.67
C ILE A 234 11.47 10.91 -6.84
N GLN A 235 11.14 10.59 -8.10
CA GLN A 235 10.16 9.52 -8.39
C GLN A 235 10.59 8.21 -7.72
N ARG A 236 11.84 7.81 -7.91
CA ARG A 236 12.39 6.61 -7.27
C ARG A 236 12.42 6.69 -5.75
N SER A 237 12.90 7.82 -5.21
CA SER A 237 12.95 7.99 -3.75
C SER A 237 11.57 7.92 -3.15
N TRP A 238 10.59 8.54 -3.81
CA TRP A 238 9.22 8.51 -3.31
C TRP A 238 8.58 7.12 -3.45
N ALA A 239 8.82 6.45 -4.58
CA ALA A 239 8.39 5.06 -4.76
C ALA A 239 8.98 4.15 -3.65
N TRP A 240 10.29 4.25 -3.42
CA TRP A 240 10.96 3.51 -2.34
C TRP A 240 10.32 3.81 -0.98
N GLY A 241 10.08 5.09 -0.71
CA GLY A 241 9.39 5.50 0.52
C GLY A 241 8.00 4.87 0.67
N ALA A 242 7.26 4.85 -0.42
CA ALA A 242 5.92 4.25 -0.45
C ALA A 242 5.96 2.73 -0.22
N LEU A 243 6.90 2.06 -0.88
CA LEU A 243 7.17 0.65 -0.63
C LEU A 243 7.45 0.40 0.86
N LEU A 244 8.34 1.18 1.46
CA LEU A 244 8.68 1.02 2.88
C LEU A 244 7.54 1.36 3.85
N ALA A 245 6.61 2.22 3.43
CA ALA A 245 5.44 2.51 4.28
C ALA A 245 4.53 1.29 4.41
N ASP A 246 4.51 0.45 3.38
CA ASP A 246 3.78 -0.83 3.44
C ASP A 246 4.59 -1.93 4.12
N GLN A 247 5.91 -1.90 3.96
CA GLN A 247 6.76 -2.89 4.63
C GLN A 247 6.74 -2.65 6.14
N PHE A 248 6.87 -1.37 6.54
CA PHE A 248 7.02 -0.96 7.95
C PHE A 248 6.05 0.17 8.27
N PRO A 249 4.75 -0.11 8.34
CA PRO A 249 3.73 0.97 8.48
C PRO A 249 3.92 1.88 9.71
N ARG A 250 4.28 1.32 10.85
CA ARG A 250 4.29 2.08 12.10
C ARG A 250 5.61 2.80 12.38
N ALA A 251 6.70 2.32 11.77
CA ALA A 251 8.02 2.86 12.03
C ALA A 251 8.04 4.38 11.91
N ILE A 252 8.82 5.02 12.78
CA ILE A 252 9.07 6.44 12.69
C ILE A 252 9.94 6.64 11.48
N ARG A 253 9.50 7.53 10.59
CA ARG A 253 10.14 7.74 9.31
C ARG A 253 11.22 8.85 9.37
N LEU A 254 12.48 8.44 9.40
CA LEU A 254 13.59 9.40 9.35
C LEU A 254 13.95 9.68 7.90
N SER A 255 14.73 10.75 7.69
CA SER A 255 15.13 11.19 6.36
C SER A 255 16.47 11.88 6.48
N ILE A 256 17.20 11.98 5.37
CA ILE A 256 18.42 12.77 5.32
C ILE A 256 18.22 14.06 4.52
N HIS A 257 16.95 14.36 4.20
CA HIS A 257 16.52 15.66 3.72
C HIS A 257 15.76 16.42 4.78
N PRO A 258 15.87 17.76 4.80
CA PRO A 258 14.96 18.60 5.59
C PRO A 258 13.53 18.28 5.17
N GLN A 259 12.59 18.29 6.11
CA GLN A 259 11.22 17.90 5.84
C GLN A 259 10.23 18.94 6.38
N PRO A 260 9.06 19.09 5.69
CA PRO A 260 8.00 19.95 6.25
C PRO A 260 7.66 19.45 7.66
N ALA A 261 7.31 20.38 8.55
CA ALA A 261 7.00 20.06 9.95
C ALA A 261 5.74 19.21 10.12
N ASP A 262 4.83 19.25 9.13
CA ASP A 262 3.59 18.47 9.13
C ASP A 262 3.79 17.08 8.53
N SER A 263 4.98 16.81 8.03
CA SER A 263 5.28 15.56 7.35
C SER A 263 5.50 14.39 8.33
N LEU A 264 5.20 13.18 7.86
CA LEU A 264 5.56 11.95 8.58
C LEU A 264 7.07 11.80 8.63
N LYS A 265 7.72 12.33 7.60
CA LYS A 265 9.16 12.26 7.47
C LYS A 265 9.82 13.28 8.40
N PHE A 266 10.90 12.83 9.05
CA PHE A 266 11.64 13.64 10.00
C PHE A 266 13.12 13.70 9.60
N GLY A 267 13.59 14.86 9.14
CA GLY A 267 15.00 15.00 8.74
C GLY A 267 15.94 15.02 9.93
N ILE A 268 17.02 14.25 9.85
CA ILE A 268 17.94 14.11 10.99
C ILE A 268 19.40 14.20 10.55
N HIS A 269 20.20 14.89 11.38
CA HIS A 269 21.63 15.02 11.17
C HIS A 269 22.37 13.86 11.84
N MET A 270 23.52 13.52 11.27
CA MET A 270 24.32 12.38 11.76
C MET A 270 25.77 12.78 12.13
N MET A 271 26.18 13.98 11.75
CA MET A 271 27.46 14.60 12.11
C MET A 271 27.20 16.09 12.07
N PRO A 272 27.93 16.89 12.89
CA PRO A 272 27.83 18.34 12.73
C PRO A 272 28.16 18.77 11.30
N THR A 273 27.34 19.68 10.76
CA THR A 273 27.55 20.24 9.42
C THR A 273 26.78 21.55 9.25
N ARG A 274 27.35 22.45 8.46
CA ARG A 274 26.71 23.73 8.13
C ARG A 274 25.56 23.57 7.11
N ASP A 275 25.69 22.61 6.21
CA ASP A 275 24.74 22.40 5.13
C ASP A 275 23.76 21.30 5.53
N ASP A 276 22.49 21.68 5.68
CA ASP A 276 21.42 20.73 6.04
C ASP A 276 21.13 19.67 4.98
N TRP A 277 21.52 19.93 3.73
CA TRP A 277 21.39 18.95 2.65
C TRP A 277 22.58 17.99 2.51
N LEU A 278 23.66 18.25 3.22
CA LEU A 278 24.90 17.49 3.03
C LEU A 278 24.83 16.16 3.76
N THR A 279 25.23 15.10 3.07
CA THR A 279 25.28 13.76 3.62
C THR A 279 26.70 13.16 3.42
N PRO A 280 27.10 12.19 4.27
CA PRO A 280 28.46 11.62 4.23
C PRO A 280 28.89 10.97 2.91
N TRP A 281 27.95 10.51 2.09
CA TRP A 281 28.30 9.93 0.78
C TRP A 281 28.50 10.98 -0.32
N HIS A 282 28.33 12.26 0.04
CA HIS A 282 28.55 13.40 -0.86
C HIS A 282 29.63 14.34 -0.32
N GLY A 283 30.28 13.97 0.78
CA GLY A 283 31.29 14.81 1.39
C GLY A 283 32.37 14.05 2.14
N VAL A 284 33.10 14.77 2.98
CA VAL A 284 34.24 14.20 3.73
C VAL A 284 34.20 14.61 5.19
N ALA A 285 34.63 13.70 6.05
CA ALA A 285 34.79 14.03 7.48
C ALA A 285 36.01 14.91 7.62
N VAL A 286 35.90 15.92 8.48
CA VAL A 286 36.99 16.87 8.69
C VAL A 286 37.23 17.04 10.18
N ASN A 287 38.47 16.81 10.60
CA ASN A 287 38.89 17.08 11.97
C ASN A 287 39.39 18.52 12.03
N THR A 288 38.65 19.38 12.74
CA THR A 288 38.99 20.80 12.81
C THR A 288 38.67 21.33 14.20
N GLU A 289 39.70 21.77 14.90
CA GLU A 289 39.61 22.23 16.30
C GLU A 289 39.12 21.11 17.21
N ASP A 290 39.71 19.92 16.98
CA ASP A 290 39.41 18.68 17.71
C ASP A 290 37.95 18.26 17.81
N ARG A 291 37.23 18.49 16.72
CA ARG A 291 35.88 18.00 16.53
C ARG A 291 35.71 17.57 15.08
N PHE A 292 34.89 16.56 14.86
CA PHE A 292 34.62 16.13 13.50
C PHE A 292 33.39 16.83 12.93
N VAL A 293 33.55 17.34 11.72
CA VAL A 293 32.49 18.06 11.02
C VAL A 293 32.46 17.44 9.63
N LEU A 294 31.28 17.44 9.01
CA LEU A 294 31.15 17.02 7.63
C LEU A 294 31.14 18.24 6.68
N MET A 295 31.95 18.17 5.65
CA MET A 295 32.13 19.25 4.66
C MET A 295 32.23 18.67 3.26
N LYS A 296 32.06 19.53 2.26
CA LYS A 296 32.35 19.18 0.87
C LYS A 296 33.88 19.20 0.67
N ARG A 297 34.42 18.18 -0.01
CA ARG A 297 35.87 18.04 -0.23
C ARG A 297 36.50 19.29 -0.87
N SER A 298 35.81 19.87 -1.85
CA SER A 298 36.31 21.08 -2.51
C SER A 298 36.47 22.22 -1.50
N GLU A 299 35.52 22.36 -0.57
CA GLU A 299 35.58 23.43 0.44
C GLU A 299 36.76 23.28 1.40
N VAL A 300 37.04 22.03 1.82
CA VAL A 300 38.13 21.77 2.76
C VAL A 300 39.53 21.95 2.10
N LEU A 301 39.64 21.62 0.82
CA LEU A 301 40.88 21.84 0.06
C LEU A 301 41.16 23.33 -0.10
N GLU A 302 40.10 24.12 -0.27
CA GLU A 302 40.20 25.57 -0.34
C GLU A 302 40.68 26.19 0.97
N LEU A 303 40.32 25.55 2.08
CA LEU A 303 40.79 25.96 3.41
C LEU A 303 42.17 25.38 3.74
N GLY A 304 42.70 24.57 2.83
CA GLY A 304 44.02 23.97 2.99
C GLY A 304 44.00 22.77 3.93
N GLY A 305 43.04 21.87 3.72
CA GLY A 305 42.92 20.64 4.51
C GLY A 305 44.04 19.66 4.21
N GLU A 306 44.40 18.87 5.21
CA GLU A 306 45.45 17.87 5.07
C GLU A 306 44.83 16.50 5.11
N LEU A 307 45.23 15.65 4.16
CA LEU A 307 44.67 14.31 4.06
C LEU A 307 45.22 13.39 5.15
N VAL A 308 44.31 12.70 5.85
CA VAL A 308 44.71 11.71 6.85
C VAL A 308 44.41 10.31 6.33
N GLN A 309 45.39 9.42 6.43
CA GLN A 309 45.23 8.01 6.07
C GLN A 309 45.20 7.13 7.30
N ILE A 310 44.34 6.10 7.26
CA ILE A 310 44.32 5.08 8.31
C ILE A 310 44.51 3.71 7.65
N ASN A 311 45.48 2.96 8.17
CA ASN A 311 46.05 1.79 7.48
C ASN A 311 46.64 2.28 6.15
N GLY A 312 46.14 1.75 5.04
CA GLY A 312 46.60 2.18 3.71
C GLY A 312 45.58 2.97 2.92
N GLN A 313 44.50 3.41 3.57
CA GLN A 313 43.36 4.02 2.88
C GLN A 313 43.09 5.46 3.32
N PRO A 314 42.87 6.37 2.35
CA PRO A 314 42.37 7.73 2.64
C PRO A 314 41.15 7.70 3.55
N SER A 315 41.16 8.54 4.59
CA SER A 315 40.19 8.46 5.68
C SER A 315 39.38 9.74 5.83
N HIS A 316 40.09 10.86 6.00
CA HIS A 316 39.46 12.15 6.29
C HIS A 316 40.49 13.25 6.15
N TYR A 317 40.05 14.50 6.32
CA TYR A 317 40.97 15.63 6.35
C TYR A 317 41.07 16.19 7.77
N ARG A 318 42.08 17.04 7.98
CA ARG A 318 42.26 17.78 9.23
C ARG A 318 42.56 19.26 8.95
N LEU A 319 42.10 20.15 9.83
CA LEU A 319 42.38 21.58 9.73
C LEU A 319 43.06 22.11 11.00
N THR B 10 20.93 26.74 33.00
CA THR B 10 22.37 27.12 33.08
C THR B 10 23.24 26.05 32.42
N LEU B 11 24.26 26.49 31.68
CA LEU B 11 25.17 25.59 30.96
C LEU B 11 25.87 24.52 31.81
N PRO B 12 26.51 24.91 32.95
CA PRO B 12 27.21 23.91 33.76
C PRO B 12 26.29 22.84 34.34
N ALA B 13 25.05 23.23 34.65
CA ALA B 13 24.00 22.30 35.05
C ALA B 13 23.56 21.40 33.89
N ARG B 14 23.65 21.92 32.66
CA ARG B 14 23.38 21.11 31.46
C ARG B 14 24.51 20.10 31.22
N VAL B 15 25.75 20.51 31.53
CA VAL B 15 26.91 19.61 31.41
C VAL B 15 26.83 18.53 32.49
N LEU B 16 26.56 18.95 33.72
CA LEU B 16 26.43 17.98 34.82
C LEU B 16 25.33 16.93 34.58
N LYS B 17 24.21 17.37 34.02
CA LYS B 17 23.13 16.45 33.64
C LYS B 17 23.55 15.38 32.62
N GLU B 18 24.37 15.73 31.64
CA GLU B 18 24.93 14.73 30.70
C GLU B 18 25.71 13.63 31.43
N LEU B 19 26.47 14.04 32.45
CA LEU B 19 27.34 13.18 33.22
C LEU B 19 26.56 12.31 34.19
N LEU B 20 25.55 12.89 34.83
CA LEU B 20 24.70 12.20 35.80
C LEU B 20 23.99 10.99 35.22
N LEU B 21 23.64 11.06 33.93
CA LEU B 21 23.06 9.92 33.20
C LEU B 21 23.89 8.64 33.28
N TYR B 22 25.20 8.78 33.46
CA TYR B 22 26.12 7.63 33.51
C TYR B 22 26.86 7.53 34.84
N ARG B 23 26.41 8.29 35.83
CA ARG B 23 27.03 8.23 37.14
C ARG B 23 26.93 6.84 37.75
N ARG B 24 28.07 6.36 38.24
CA ARG B 24 28.11 5.11 38.95
C ARG B 24 27.86 5.37 40.45
N ARG B 25 26.72 4.89 40.95
CA ARG B 25 26.40 4.99 42.37
C ARG B 25 26.90 3.74 43.11
N TYR B 26 27.04 3.85 44.43
CA TYR B 26 27.43 2.72 45.28
C TYR B 26 26.41 1.57 45.20
N PRO B 27 26.88 0.31 45.28
CA PRO B 27 25.94 -0.82 45.35
C PRO B 27 25.12 -0.82 46.65
N SER B 34 19.65 9.38 50.52
CA SER B 34 18.76 9.57 49.37
C SER B 34 19.56 9.90 48.12
N GLU B 35 19.00 9.55 46.96
CA GLU B 35 19.60 9.90 45.67
C GLU B 35 19.57 11.40 45.42
N ALA B 36 18.45 12.05 45.81
CA ALA B 36 18.27 13.49 45.66
C ALA B 36 19.29 14.31 46.44
N ASP B 37 19.69 13.79 47.61
CA ASP B 37 20.69 14.42 48.47
C ASP B 37 22.09 14.27 47.87
N GLU B 38 22.33 13.15 47.20
CA GLU B 38 23.58 12.94 46.48
C GLU B 38 23.80 14.04 45.43
N ILE B 39 22.80 14.24 44.57
CA ILE B 39 22.83 15.23 43.48
C ILE B 39 23.14 16.66 43.95
N ARG B 40 22.46 17.11 45.01
CA ARG B 40 22.72 18.43 45.61
C ARG B 40 24.17 18.57 46.08
N ARG B 41 24.69 17.54 46.72
CA ARG B 41 26.10 17.51 47.12
C ARG B 41 27.03 17.50 45.90
N ILE B 42 26.70 16.69 44.88
CA ILE B 42 27.46 16.68 43.62
C ILE B 42 27.44 18.04 42.93
N GLU B 43 26.25 18.62 42.80
CA GLU B 43 26.09 19.97 42.25
C GLU B 43 27.01 20.96 42.95
N GLN B 44 26.98 20.97 44.28
CA GLN B 44 27.82 21.89 45.06
C GLN B 44 29.31 21.77 44.69
N VAL B 45 29.77 20.53 44.44
CA VAL B 45 31.18 20.25 44.17
C VAL B 45 31.55 20.50 42.70
N GLN B 46 30.73 19.98 41.79
CA GLN B 46 31.11 19.94 40.39
C GLN B 46 30.73 21.18 39.57
N LEU B 47 29.62 21.82 39.92
CA LEU B 47 29.14 22.98 39.14
C LEU B 47 30.17 24.14 39.03
N PRO B 48 30.83 24.52 40.14
CA PRO B 48 31.84 25.58 40.04
C PRO B 48 33.03 25.16 39.17
N ARG B 49 33.35 23.87 39.17
CA ARG B 49 34.49 23.34 38.41
C ARG B 49 34.22 23.35 36.92
N ILE B 50 33.00 22.99 36.55
CA ILE B 50 32.55 23.06 35.15
C ILE B 50 32.46 24.52 34.73
N ALA B 51 31.82 25.35 35.57
CA ALA B 51 31.67 26.78 35.32
C ALA B 51 33.00 27.53 35.13
N ALA B 52 34.06 27.06 35.82
CA ALA B 52 35.40 27.64 35.64
C ALA B 52 35.84 27.62 34.16
N PHE B 53 35.64 26.50 33.46
CA PHE B 53 35.97 26.40 32.02
C PHE B 53 35.01 27.20 31.13
N ILE B 54 33.72 27.08 31.42
CA ILE B 54 32.67 27.75 30.66
C ILE B 54 32.85 29.27 30.68
N GLU B 55 33.16 29.81 31.86
CA GLU B 55 33.38 31.25 32.00
C GLU B 55 34.68 31.72 31.35
N ALA B 56 35.66 30.83 31.29
CA ALA B 56 36.93 31.10 30.60
C ALA B 56 36.80 30.98 29.08
N GLY B 57 35.73 30.33 28.62
CA GLY B 57 35.48 30.11 27.19
C GLY B 57 36.31 28.97 26.63
N GLU B 58 36.88 28.18 27.53
CA GLU B 58 37.73 27.05 27.20
C GLU B 58 36.92 25.73 27.08
N PRO B 59 37.45 24.74 26.33
CA PRO B 59 36.87 23.40 26.39
C PRO B 59 36.84 22.90 27.85
N ILE B 60 35.82 22.14 28.21
CA ILE B 60 35.74 21.57 29.57
C ILE B 60 36.66 20.35 29.68
N GLU B 61 37.57 20.35 30.65
CA GLU B 61 38.52 19.25 30.77
C GLU B 61 38.10 18.22 31.81
N PHE B 62 38.16 16.95 31.40
CA PHE B 62 38.03 15.80 32.30
C PHE B 62 39.30 14.96 32.29
N VAL B 63 39.64 14.39 33.45
CA VAL B 63 40.69 13.37 33.55
C VAL B 63 40.09 12.06 34.04
N LEU B 64 40.65 10.95 33.58
CA LEU B 64 40.10 9.65 33.96
C LEU B 64 41.20 8.59 34.01
N PRO B 65 41.64 8.21 35.22
CA PRO B 65 42.59 7.10 35.31
C PRO B 65 41.93 5.78 34.87
N ALA B 66 42.45 5.21 33.78
CA ALA B 66 41.80 4.12 33.08
C ALA B 66 42.70 3.56 31.97
N PHE B 67 42.22 2.51 31.31
CA PHE B 67 42.97 1.85 30.21
C PHE B 67 44.49 1.65 30.46
N PRO B 68 44.88 1.02 31.59
CA PRO B 68 46.30 0.88 31.88
C PRO B 68 46.98 -0.14 30.97
N ALA B 69 46.27 -1.24 30.72
CA ALA B 69 46.73 -2.36 29.91
C ALA B 69 45.74 -3.50 30.14
N LYS B 70 45.81 -4.50 29.26
CA LYS B 70 45.03 -5.70 29.41
C LYS B 70 45.57 -6.57 30.56
N SER B 71 44.65 -7.26 31.22
CA SER B 71 44.99 -8.27 32.20
C SER B 71 45.88 -9.32 31.54
N PRO B 72 46.97 -9.74 32.23
CA PRO B 72 47.81 -10.80 31.67
C PRO B 72 47.19 -12.21 31.80
N ASN B 73 46.02 -12.30 32.41
CA ASN B 73 45.31 -13.56 32.57
C ASN B 73 44.46 -13.95 31.35
N PRO B 74 44.88 -15.01 30.59
CA PRO B 74 44.14 -15.47 29.41
C PRO B 74 42.76 -16.06 29.73
N GLY B 75 42.47 -16.27 31.02
CA GLY B 75 41.13 -16.68 31.44
C GLY B 75 40.20 -15.49 31.54
N LYS B 76 40.76 -14.29 31.39
CA LYS B 76 40.00 -13.04 31.51
C LYS B 76 39.85 -12.32 30.16
N VAL B 77 40.94 -12.24 29.42
CA VAL B 77 40.99 -11.47 28.16
C VAL B 77 41.42 -12.32 26.95
N LEU B 78 41.01 -11.89 25.75
CA LEU B 78 41.38 -12.51 24.47
C LEU B 78 42.88 -12.52 24.26
N ASP B 79 43.50 -11.37 24.51
CA ASP B 79 44.90 -11.14 24.19
C ASP B 79 45.36 -9.88 24.91
N SER B 80 46.63 -9.51 24.72
CA SER B 80 47.21 -8.34 25.40
C SER B 80 46.88 -6.97 24.77
N ARG B 81 46.41 -6.95 23.53
CA ARG B 81 46.14 -5.69 22.83
C ARG B 81 44.70 -5.24 23.10
N PRO B 82 44.42 -3.94 22.97
CA PRO B 82 43.03 -3.50 23.13
C PRO B 82 42.15 -4.06 22.03
N ASP B 83 40.89 -4.32 22.34
CA ASP B 83 39.99 -4.95 21.38
C ASP B 83 38.61 -4.26 21.34
N MET B 84 37.57 -4.99 20.94
CA MET B 84 36.22 -4.43 20.87
C MET B 84 35.74 -3.78 22.19
N ALA B 85 36.18 -4.32 23.32
CA ALA B 85 35.81 -3.80 24.65
C ALA B 85 36.22 -2.34 24.81
N GLU B 86 37.52 -2.06 24.63
CA GLU B 86 38.06 -0.70 24.58
C GLU B 86 37.37 0.16 23.51
N ARG B 87 37.17 -0.42 22.33
CA ARG B 87 36.57 0.26 21.19
C ARG B 87 35.17 0.82 21.53
N LEU B 88 34.33 -0.01 22.15
CA LEU B 88 32.97 0.41 22.52
C LEU B 88 33.01 1.48 23.62
N SER B 89 33.89 1.27 24.60
CA SER B 89 34.02 2.17 25.72
C SER B 89 34.50 3.56 25.30
N LEU B 90 35.60 3.61 24.55
CA LEU B 90 36.16 4.87 24.03
C LEU B 90 35.18 5.65 23.13
N SER B 91 34.52 4.95 22.20
CA SER B 91 33.46 5.52 21.37
C SER B 91 32.35 6.17 22.20
N PHE B 92 31.92 5.46 23.23
CA PHE B 92 30.91 5.95 24.16
C PHE B 92 31.38 7.21 24.88
N LEU B 93 32.58 7.16 25.47
CA LEU B 93 33.15 8.33 26.15
C LEU B 93 33.28 9.55 25.21
N ASN B 94 33.73 9.31 23.98
CA ASN B 94 33.81 10.34 22.94
C ASN B 94 32.43 10.91 22.56
N HIS B 95 31.43 10.03 22.43
CA HIS B 95 30.04 10.46 22.17
C HIS B 95 29.50 11.38 23.28
N LEU B 96 29.89 11.10 24.53
CA LEU B 96 29.56 11.96 25.67
C LEU B 96 30.15 13.38 25.53
N CYS B 97 31.39 13.49 25.06
CA CYS B 97 31.99 14.82 24.83
C CYS B 97 31.30 15.55 23.68
N GLN B 98 30.97 14.79 22.63
CA GLN B 98 30.20 15.28 21.49
C GLN B 98 28.87 15.86 21.92
N ARG B 99 28.15 15.14 22.79
CA ARG B 99 26.88 15.57 23.38
C ARG B 99 26.98 16.94 24.02
N ILE B 100 27.98 17.12 24.87
CA ILE B 100 28.23 18.40 25.54
C ILE B 100 28.52 19.50 24.51
N GLN B 101 29.31 19.17 23.50
CA GLN B 101 29.70 20.16 22.50
C GLN B 101 28.51 20.64 21.67
N LEU B 102 27.43 19.86 21.68
CA LEU B 102 26.23 20.22 20.95
C LEU B 102 25.65 21.53 21.48
N PHE B 103 25.78 21.77 22.79
CA PHE B 103 25.25 23.04 23.36
C PHE B 103 26.34 23.99 23.85
N TYR B 104 27.54 23.46 24.08
CA TYR B 104 28.69 24.28 24.44
C TYR B 104 29.80 24.14 23.39
N ALA B 105 29.90 25.14 22.50
CA ALA B 105 30.81 25.13 21.34
C ALA B 105 32.29 24.76 21.59
N PRO B 106 32.95 25.38 22.59
CA PRO B 106 34.35 24.97 22.89
C PRO B 106 34.51 23.48 23.22
N GLY B 107 33.46 22.86 23.73
CA GLY B 107 33.40 21.41 23.84
C GLY B 107 33.93 20.80 25.12
N ALA B 108 34.30 19.53 25.04
CA ALA B 108 34.75 18.76 26.19
C ALA B 108 35.79 17.75 25.74
N LYS B 109 36.77 17.51 26.59
CA LYS B 109 37.87 16.61 26.28
C LYS B 109 38.09 15.75 27.51
N ILE B 110 38.22 14.44 27.30
CA ILE B 110 38.60 13.50 28.35
C ILE B 110 40.03 13.08 28.07
N THR B 111 40.91 13.36 29.03
CA THR B 111 42.27 12.86 28.98
C THR B 111 42.30 11.58 29.82
N VAL B 112 42.47 10.46 29.14
CA VAL B 112 42.70 9.18 29.79
C VAL B 112 44.11 9.19 30.41
N CYS B 113 44.15 9.15 31.74
CA CYS B 113 45.40 9.18 32.48
C CYS B 113 45.74 7.76 32.88
N SER B 114 46.42 7.09 31.97
CA SER B 114 46.66 5.66 32.11
C SER B 114 47.63 5.40 33.26
N ASP B 115 47.28 4.45 34.12
CA ASP B 115 48.14 4.04 35.23
C ASP B 115 48.90 2.73 34.98
N GLY B 116 49.05 2.35 33.71
CA GLY B 116 49.74 1.12 33.33
C GLY B 116 51.20 1.07 33.76
N ARG B 117 51.92 2.16 33.48
CA ARG B 117 53.34 2.35 33.80
C ARG B 117 53.58 2.52 35.30
N VAL B 118 52.52 2.86 36.02
CA VAL B 118 52.61 3.23 37.42
C VAL B 118 52.93 2.05 38.37
N PHE B 119 52.50 0.86 38.00
CA PHE B 119 52.71 -0.32 38.83
C PHE B 119 54.02 -1.09 38.70
N GLY B 120 54.48 -1.33 37.50
CA GLY B 120 55.67 -2.15 37.33
C GLY B 120 55.40 -3.57 37.76
N ASP B 121 56.25 -4.07 38.61
CA ASP B 121 56.09 -5.36 39.19
C ASP B 121 54.70 -5.78 39.64
N LEU B 122 53.86 -4.85 40.09
CA LEU B 122 52.87 -5.18 41.11
C LEU B 122 51.62 -5.82 40.55
N VAL B 123 51.37 -5.63 39.25
CA VAL B 123 50.24 -6.31 38.62
C VAL B 123 50.69 -7.33 37.56
N ARG B 124 52.00 -7.53 37.45
CA ARG B 124 52.61 -8.57 36.60
C ARG B 124 52.42 -8.32 35.10
N ILE B 125 52.55 -7.06 34.69
CA ILE B 125 52.60 -6.70 33.27
C ILE B 125 53.96 -6.07 33.03
N GLY B 126 54.71 -6.61 32.08
CA GLY B 126 56.03 -6.08 31.74
C GLY B 126 55.92 -4.76 31.01
N ASP B 127 57.02 -4.02 30.99
CA ASP B 127 57.04 -2.67 30.46
C ASP B 127 56.81 -2.60 28.94
N ALA B 128 57.31 -3.61 28.23
CA ALA B 128 57.10 -3.74 26.79
C ALA B 128 55.61 -3.89 26.45
N HIS B 129 54.93 -4.78 27.18
CA HIS B 129 53.48 -4.95 27.06
C HIS B 129 52.70 -3.66 27.36
N ILE B 130 53.14 -2.91 28.37
CA ILE B 130 52.50 -1.62 28.65
C ILE B 130 52.68 -0.64 27.48
N SER B 131 53.91 -0.51 27.00
CA SER B 131 54.19 0.38 25.86
C SER B 131 53.38 -0.01 24.62
N ALA B 132 53.24 -1.31 24.40
CA ALA B 132 52.61 -1.81 23.19
C ALA B 132 51.12 -1.49 23.25
N TYR B 133 50.55 -1.64 24.45
CA TYR B 133 49.16 -1.33 24.70
C TYR B 133 48.88 0.15 24.55
N GLN B 134 49.77 1.01 25.03
N GLN B 134 49.77 0.98 25.08
CA GLN B 134 49.51 2.45 24.97
CA GLN B 134 49.64 2.44 24.99
C GLN B 134 49.63 2.99 23.54
C GLN B 134 49.52 2.82 23.52
N ASP B 135 50.53 2.42 22.74
CA ASP B 135 50.62 2.73 21.30
C ASP B 135 49.38 2.26 20.55
N ALA B 136 48.88 1.07 20.89
CA ALA B 136 47.71 0.51 20.24
C ALA B 136 46.43 1.23 20.66
N LEU B 137 46.40 1.76 21.87
CA LEU B 137 45.26 2.56 22.36
C LEU B 137 45.18 3.91 21.62
N ARG B 138 46.31 4.60 21.47
CA ARG B 138 46.41 5.80 20.64
C ARG B 138 45.99 5.55 19.19
N LEU B 139 46.49 4.48 18.59
CA LEU B 139 46.07 4.09 17.23
C LEU B 139 44.55 3.86 17.17
N MET B 140 44.02 3.10 18.13
CA MET B 140 42.58 2.81 18.17
C MET B 140 41.78 4.12 18.28
N ILE B 141 42.25 5.03 19.13
CA ILE B 141 41.58 6.33 19.28
C ILE B 141 41.53 7.08 17.93
N GLU B 142 42.62 7.03 17.18
CA GLU B 142 42.67 7.66 15.86
C GLU B 142 41.71 6.96 14.86
N GLU B 143 41.72 5.63 14.82
CA GLU B 143 40.90 4.92 13.84
C GLU B 143 39.38 4.98 14.04
N ILE B 144 38.95 5.13 15.29
CA ILE B 144 37.53 5.29 15.57
C ILE B 144 37.11 6.76 15.53
N GLY B 145 38.07 7.65 15.28
CA GLY B 145 37.82 9.09 15.22
C GLY B 145 37.36 9.67 16.56
N ALA B 146 37.87 9.11 17.64
CA ALA B 146 37.54 9.57 18.99
C ALA B 146 38.40 10.77 19.36
N THR B 147 38.13 11.88 18.65
CA THR B 147 38.96 13.06 18.74
C THR B 147 38.87 13.87 20.05
N HIS B 148 37.88 13.60 20.89
CA HIS B 148 37.80 14.28 22.20
C HIS B 148 38.54 13.52 23.30
N ILE B 149 39.14 12.39 22.95
CA ILE B 149 39.84 11.54 23.92
C ILE B 149 41.35 11.65 23.70
N GLY B 150 42.07 12.08 24.74
CA GLY B 150 43.55 12.13 24.69
C GLY B 150 44.11 11.16 25.70
N VAL B 151 45.42 10.89 25.61
CA VAL B 151 46.05 9.90 26.50
C VAL B 151 47.24 10.55 27.18
N PHE B 152 47.35 10.35 28.49
CA PHE B 152 48.48 10.85 29.29
C PHE B 152 49.04 9.72 30.14
N ASN B 153 50.33 9.47 29.96
CA ASN B 153 51.01 8.40 30.67
C ASN B 153 52.08 8.99 31.58
N LEU B 154 52.55 8.19 32.53
CA LEU B 154 53.62 8.60 33.44
C LEU B 154 54.83 9.18 32.71
N GLU B 155 55.20 8.57 31.59
CA GLU B 155 56.39 9.04 30.84
C GLU B 155 56.19 10.41 30.18
N ASP B 156 54.94 10.88 30.16
CA ASP B 156 54.59 12.21 29.63
C ASP B 156 54.73 13.35 30.66
N VAL B 157 54.99 12.98 31.93
CA VAL B 157 55.21 13.99 32.98
C VAL B 157 56.50 14.76 32.67
N ARG B 158 56.35 16.02 32.27
CA ARG B 158 57.47 16.90 31.87
C ARG B 158 58.59 16.98 32.91
N ALA B 159 58.23 17.03 34.19
CA ALA B 159 59.20 17.04 35.30
C ALA B 159 60.07 15.79 35.36
N PHE B 160 59.56 14.68 34.83
CA PHE B 160 60.26 13.39 34.91
C PHE B 160 60.92 13.02 33.59
N GLU B 161 61.07 13.99 32.70
CA GLU B 161 61.60 13.79 31.34
C GLU B 161 62.98 13.10 31.27
N ALA B 162 63.81 13.32 32.28
CA ALA B 162 65.15 12.72 32.35
C ALA B 162 65.13 11.19 32.52
N GLN B 163 64.01 10.66 33.01
CA GLN B 163 63.84 9.21 33.24
C GLN B 163 62.70 8.61 32.42
N ARG B 164 62.22 9.35 31.42
CA ARG B 164 61.11 8.97 30.54
C ARG B 164 61.29 7.56 29.94
N ASP B 165 62.53 7.18 29.66
CA ASP B 165 62.85 5.90 29.04
C ASP B 165 63.26 4.81 30.03
N ASN B 166 63.58 5.24 31.27
CA ASN B 166 63.98 4.32 32.33
CA ASN B 166 63.98 4.33 32.31
C ASN B 166 62.77 4.07 33.21
N HIS B 167 61.96 3.10 32.80
CA HIS B 167 60.66 2.88 33.44
C HIS B 167 60.70 2.69 34.95
N GLU B 168 61.69 1.94 35.43
CA GLU B 168 61.92 1.75 36.88
C GLU B 168 62.19 3.05 37.64
N GLN B 169 63.12 3.87 37.14
CA GLN B 169 63.48 5.14 37.77
C GLN B 169 62.35 6.18 37.69
N LEU B 170 61.50 6.03 36.68
CA LEU B 170 60.31 6.84 36.49
C LEU B 170 59.29 6.52 37.57
N ARG B 171 59.10 5.23 37.83
CA ARG B 171 58.23 4.80 38.92
C ARG B 171 58.73 5.32 40.26
N GLN B 172 60.04 5.37 40.42
CA GLN B 172 60.65 5.94 41.64
C GLN B 172 60.43 7.44 41.76
N LEU B 173 60.47 8.16 40.64
CA LEU B 173 60.10 9.58 40.61
C LEU B 173 58.65 9.79 41.05
N LEU B 174 57.75 8.92 40.60
CA LEU B 174 56.38 8.93 41.09
C LEU B 174 56.29 8.72 42.61
N ILE B 175 57.03 7.73 43.11
CA ILE B 175 56.95 7.36 44.52
C ILE B 175 57.59 8.44 45.40
N GLY B 176 58.80 8.85 45.05
CA GLY B 176 59.50 9.88 45.81
C GLY B 176 58.74 11.19 45.75
N GLY B 177 58.14 11.46 44.59
CA GLY B 177 57.44 12.70 44.36
C GLY B 177 56.09 12.81 45.03
N TYR B 178 55.32 11.72 45.05
CA TYR B 178 53.90 11.79 45.40
C TYR B 178 53.34 10.72 46.31
N ALA B 179 54.11 9.68 46.62
CA ALA B 179 53.63 8.58 47.45
C ALA B 179 53.92 8.78 48.94
N GLU B 180 53.10 8.15 49.79
CA GLU B 180 53.41 8.00 51.21
C GLU B 180 54.15 6.67 51.37
N PRO B 181 55.03 6.57 52.40
CA PRO B 181 55.65 5.28 52.72
C PRO B 181 54.64 4.15 52.89
N LEU B 182 55.07 2.91 52.63
CA LEU B 182 54.18 1.74 52.70
C LEU B 182 53.56 1.52 54.08
N GLU B 183 54.31 1.83 55.12
CA GLU B 183 53.84 1.69 56.50
C GLU B 183 52.66 2.65 56.75
N SER B 184 52.76 3.84 56.19
CA SER B 184 51.72 4.85 56.33
C SER B 184 50.44 4.50 55.55
N ILE B 185 50.60 3.87 54.40
CA ILE B 185 49.48 3.32 53.63
C ILE B 185 48.72 2.29 54.48
N ARG B 186 49.47 1.39 55.11
CA ARG B 186 48.88 0.34 55.93
C ARG B 186 48.07 0.97 57.07
N GLU B 187 48.64 1.95 57.75
CA GLU B 187 47.96 2.61 58.88
C GLU B 187 46.68 3.34 58.45
N THR B 188 46.73 3.95 57.26
CA THR B 188 45.58 4.65 56.67
C THR B 188 44.47 3.68 56.29
N LEU B 189 44.83 2.56 55.67
CA LEU B 189 43.87 1.53 55.31
C LEU B 189 43.20 0.94 56.55
N LEU B 190 43.96 0.76 57.62
CA LEU B 190 43.43 0.18 58.85
C LEU B 190 42.64 1.19 59.70
N ALA B 191 42.61 2.46 59.27
CA ALA B 191 41.96 3.53 60.03
C ALA B 191 40.45 3.65 59.80
N SER B 192 39.94 3.09 58.71
CA SER B 192 38.52 3.25 58.40
C SER B 192 37.90 2.05 57.74
N GLU B 193 36.58 1.94 57.89
CA GLU B 193 35.75 1.02 57.13
C GLU B 193 36.09 1.03 55.65
N GLU B 194 36.10 2.22 55.05
CA GLU B 194 36.41 2.39 53.62
C GLU B 194 37.82 1.94 53.30
N GLY B 195 38.76 2.22 54.20
CA GLY B 195 40.16 1.80 54.05
C GLY B 195 40.30 0.29 53.97
N LEU B 196 39.64 -0.41 54.89
CA LEU B 196 39.65 -1.87 54.89
C LEU B 196 38.93 -2.49 53.69
N LEU B 197 37.82 -1.88 53.27
CA LEU B 197 37.08 -2.34 52.08
C LEU B 197 37.92 -2.19 50.82
N LEU B 198 38.72 -1.12 50.76
CA LEU B 198 39.62 -0.88 49.64
C LEU B 198 40.75 -1.92 49.60
N TYR B 199 41.40 -2.15 50.73
CA TYR B 199 42.49 -3.12 50.81
C TYR B 199 42.02 -4.53 50.41
N ARG B 200 40.82 -4.91 50.87
CA ARG B 200 40.27 -6.23 50.55
C ARG B 200 39.83 -6.37 49.09
N ALA B 201 39.28 -5.30 48.51
CA ALA B 201 38.86 -5.32 47.10
C ALA B 201 40.06 -5.47 46.17
N ILE B 202 41.16 -4.80 46.51
CA ILE B 202 42.40 -4.87 45.72
C ILE B 202 43.14 -6.18 45.92
N THR B 203 43.21 -6.65 47.16
CA THR B 203 43.68 -7.99 47.42
C THR B 203 42.93 -9.01 46.56
N ARG B 204 41.60 -8.99 46.64
CA ARG B 204 40.76 -9.95 45.91
C ARG B 204 40.96 -9.87 44.40
N PHE B 205 41.10 -8.66 43.87
CA PHE B 205 41.41 -8.47 42.44
C PHE B 205 42.79 -9.03 42.02
N LEU B 206 43.81 -8.80 42.84
CA LEU B 206 45.15 -9.29 42.50
C LEU B 206 45.20 -10.83 42.54
N TYR B 207 44.49 -11.42 43.50
CA TYR B 207 44.39 -12.87 43.57
C TYR B 207 43.72 -13.41 42.32
N GLU B 208 42.49 -12.96 42.07
CA GLU B 208 41.70 -13.36 40.91
C GLU B 208 42.45 -13.15 39.60
N ASP B 209 43.16 -12.02 39.47
CA ASP B 209 43.89 -11.72 38.23
C ASP B 209 45.11 -12.63 38.04
N GLY B 210 45.71 -13.07 39.15
CA GLY B 210 46.84 -13.99 39.10
C GLY B 210 46.47 -15.46 38.96
N LEU B 211 45.21 -15.78 39.21
CA LEU B 211 44.72 -17.16 39.06
C LEU B 211 44.51 -17.50 37.60
N THR B 212 45.59 -17.90 36.93
CA THR B 212 45.54 -18.31 35.52
C THR B 212 44.84 -19.67 35.37
N PRO B 213 44.15 -19.90 34.23
CA PRO B 213 43.21 -21.03 34.09
C PRO B 213 43.73 -22.39 34.55
N ASP B 214 45.01 -22.64 34.34
CA ASP B 214 45.60 -23.97 34.58
C ASP B 214 46.54 -23.96 35.77
N TYR B 215 46.27 -23.08 36.74
CA TYR B 215 47.21 -22.74 37.80
C TYR B 215 47.78 -23.93 38.56
N GLN B 216 49.10 -24.04 38.57
CA GLN B 216 49.78 -25.19 39.17
C GLN B 216 50.52 -24.86 40.46
N GLY B 217 50.69 -23.57 40.72
CA GLY B 217 51.32 -23.08 41.93
C GLY B 217 50.43 -23.18 43.16
N SER B 218 50.99 -22.82 44.31
CA SER B 218 50.22 -22.76 45.55
C SER B 218 49.27 -21.56 45.52
N LYS B 219 48.02 -21.78 45.91
CA LYS B 219 47.04 -20.69 45.97
C LYS B 219 47.18 -19.86 47.25
N THR B 220 47.73 -20.48 48.29
CA THR B 220 48.01 -19.80 49.55
C THR B 220 49.19 -18.85 49.39
N ALA B 221 50.18 -19.24 48.58
CA ALA B 221 51.30 -18.36 48.23
C ALA B 221 50.82 -17.21 47.38
N LEU B 222 49.94 -17.50 46.42
CA LEU B 222 49.34 -16.47 45.58
C LEU B 222 48.53 -15.46 46.43
N GLN B 223 47.78 -15.96 47.40
CA GLN B 223 47.01 -15.10 48.30
C GLN B 223 47.92 -14.22 49.19
N ARG B 224 48.99 -14.81 49.72
CA ARG B 224 50.01 -14.08 50.46
C ARG B 224 50.63 -12.99 49.58
N ASP B 225 50.86 -13.35 48.31
CA ASP B 225 51.42 -12.44 47.31
C ASP B 225 50.51 -11.24 47.06
N ALA B 226 49.23 -11.52 46.86
CA ALA B 226 48.24 -10.50 46.54
C ALA B 226 48.08 -9.51 47.70
N LYS B 227 48.07 -10.07 48.91
CA LYS B 227 48.01 -9.27 50.13
C LYS B 227 49.18 -8.32 50.28
N GLU B 228 50.39 -8.77 49.97
CA GLU B 228 51.58 -7.90 50.04
C GLU B 228 51.51 -6.79 48.99
N ARG B 229 51.22 -7.18 47.75
CA ARG B 229 51.21 -6.25 46.60
C ARG B 229 50.06 -5.26 46.66
N ALA B 230 48.94 -5.65 47.28
CA ALA B 230 47.81 -4.73 47.43
C ALA B 230 48.23 -3.39 48.04
N TYR B 231 49.12 -3.40 49.03
CA TYR B 231 49.64 -2.16 49.64
C TYR B 231 50.34 -1.23 48.63
N GLY B 232 51.22 -1.80 47.82
CA GLY B 232 51.94 -1.03 46.81
C GLY B 232 51.09 -0.56 45.65
N VAL B 233 50.04 -1.31 45.30
CA VAL B 233 49.12 -0.93 44.22
C VAL B 233 48.30 0.30 44.65
N ILE B 234 47.78 0.25 45.88
CA ILE B 234 47.06 1.38 46.47
C ILE B 234 47.99 2.60 46.62
N GLN B 235 49.19 2.38 47.13
CA GLN B 235 50.24 3.41 47.19
C GLN B 235 50.41 4.16 45.86
N ARG B 236 50.79 3.42 44.81
CA ARG B 236 51.01 3.95 43.45
C ARG B 236 49.76 4.60 42.85
N SER B 237 48.61 3.95 43.03
CA SER B 237 47.35 4.50 42.54
C SER B 237 47.08 5.89 43.18
N TRP B 238 47.17 5.98 44.51
CA TRP B 238 47.01 7.25 45.22
C TRP B 238 48.04 8.31 44.80
N ALA B 239 49.30 7.89 44.61
CA ALA B 239 50.35 8.77 44.17
C ALA B 239 50.10 9.32 42.75
N TRP B 240 49.54 8.48 41.88
CA TRP B 240 49.17 8.87 40.53
C TRP B 240 48.05 9.90 40.58
N GLY B 241 47.03 9.65 41.39
CA GLY B 241 45.98 10.66 41.64
C GLY B 241 46.49 12.00 42.14
N ALA B 242 47.43 11.99 43.09
CA ALA B 242 48.03 13.23 43.63
C ALA B 242 48.87 13.95 42.57
N LEU B 243 49.65 13.20 41.80
CA LEU B 243 50.40 13.77 40.66
C LEU B 243 49.48 14.47 39.67
N LEU B 244 48.33 13.85 39.40
CA LEU B 244 47.38 14.35 38.43
C LEU B 244 46.63 15.58 38.95
N ALA B 245 46.49 15.68 40.27
CA ALA B 245 45.95 16.90 40.90
C ALA B 245 46.81 18.12 40.56
N ASP B 246 48.13 17.93 40.43
CA ASP B 246 49.04 19.02 40.07
C ASP B 246 49.18 19.28 38.56
N GLN B 247 49.08 18.22 37.76
CA GLN B 247 49.19 18.33 36.31
C GLN B 247 47.93 19.00 35.76
N PHE B 248 46.77 18.61 36.29
CA PHE B 248 45.46 19.08 35.82
C PHE B 248 44.54 19.51 36.98
N PRO B 249 44.90 20.58 37.72
CA PRO B 249 44.09 20.93 38.91
C PRO B 249 42.64 21.33 38.64
N ARG B 250 42.36 21.86 37.45
CA ARG B 250 41.02 22.33 37.15
C ARG B 250 40.10 21.27 36.53
N ALA B 251 40.69 20.20 35.99
CA ALA B 251 39.93 19.15 35.28
C ALA B 251 38.94 18.44 36.19
N ILE B 252 37.74 18.19 35.68
CA ILE B 252 36.75 17.38 36.38
C ILE B 252 37.35 15.99 36.50
N ARG B 253 37.32 15.44 37.70
CA ARG B 253 37.98 14.15 37.90
C ARG B 253 36.96 13.03 37.82
N LEU B 254 37.03 12.28 36.72
CA LEU B 254 36.24 11.08 36.53
C LEU B 254 36.97 9.89 37.13
N SER B 255 36.20 8.89 37.51
CA SER B 255 36.70 7.67 38.10
C SER B 255 35.88 6.49 37.58
N ILE B 256 36.50 5.32 37.53
CA ILE B 256 35.79 4.09 37.16
C ILE B 256 34.98 3.56 38.36
N HIS B 257 35.29 4.07 39.55
CA HIS B 257 34.71 3.59 40.81
C HIS B 257 33.64 4.50 41.34
N PRO B 258 32.65 3.92 42.06
CA PRO B 258 31.68 4.75 42.79
C PRO B 258 32.43 5.67 43.74
N GLN B 259 31.88 6.88 43.92
CA GLN B 259 32.49 7.91 44.74
C GLN B 259 31.48 8.49 45.72
N PRO B 260 31.96 9.00 46.88
CA PRO B 260 31.05 9.74 47.77
C PRO B 260 30.56 11.00 47.06
N ALA B 261 29.31 11.38 47.31
CA ALA B 261 28.68 12.54 46.66
C ALA B 261 29.44 13.87 46.89
N ASP B 262 30.26 13.91 47.94
CA ASP B 262 31.02 15.11 48.28
C ASP B 262 32.47 15.11 47.75
N SER B 263 32.82 14.07 46.99
CA SER B 263 34.17 13.88 46.44
C SER B 263 34.41 14.79 45.22
N LEU B 264 35.67 15.15 44.99
CA LEU B 264 36.05 15.79 43.71
C LEU B 264 35.92 14.78 42.56
N LYS B 265 36.02 13.49 42.90
CA LYS B 265 35.92 12.38 41.94
C LYS B 265 34.47 12.00 41.64
N PHE B 266 34.20 11.79 40.37
CA PHE B 266 32.84 11.53 39.89
C PHE B 266 32.84 10.17 39.19
N GLY B 267 32.23 9.19 39.85
CA GLY B 267 32.23 7.80 39.39
C GLY B 267 31.38 7.65 38.14
N ILE B 268 31.94 6.99 37.13
CA ILE B 268 31.23 6.91 35.84
C ILE B 268 31.26 5.50 35.24
N HIS B 269 30.13 5.07 34.68
CA HIS B 269 30.09 3.83 33.91
C HIS B 269 30.99 3.95 32.68
N MET B 270 31.60 2.83 32.30
CA MET B 270 32.53 2.80 31.17
C MET B 270 31.90 2.24 29.89
N MET B 271 30.67 1.75 30.01
CA MET B 271 29.91 1.28 28.86
C MET B 271 28.55 1.99 28.79
N PRO B 272 28.05 2.31 27.57
CA PRO B 272 26.82 3.10 27.38
C PRO B 272 25.54 2.45 27.91
N THR B 273 25.64 1.18 28.29
CA THR B 273 24.49 0.40 28.72
C THR B 273 24.34 0.36 30.25
N ARG B 274 25.32 0.95 30.95
CA ARG B 274 25.32 1.10 32.43
C ARG B 274 25.21 -0.22 33.22
N ASP B 275 25.82 -1.27 32.67
CA ASP B 275 25.74 -2.62 33.22
C ASP B 275 27.10 -3.29 33.15
N ASP B 276 28.14 -2.47 33.10
CA ASP B 276 29.51 -2.96 33.10
C ASP B 276 29.98 -3.15 34.55
N TRP B 277 30.35 -4.39 34.87
CA TRP B 277 30.82 -4.74 36.22
C TRP B 277 32.27 -5.14 36.25
N LEU B 278 32.83 -5.39 35.09
CA LEU B 278 34.27 -5.41 34.92
C LEU B 278 34.62 -4.29 33.93
N THR B 279 35.89 -3.96 33.87
CA THR B 279 36.37 -2.92 33.01
C THR B 279 36.65 -3.49 31.61
N PRO B 280 36.61 -2.62 30.57
CA PRO B 280 37.04 -3.04 29.22
C PRO B 280 38.36 -3.80 29.17
N TRP B 281 39.32 -3.43 30.00
CA TRP B 281 40.67 -4.02 29.94
C TRP B 281 40.85 -5.28 30.81
N HIS B 282 39.81 -5.65 31.55
CA HIS B 282 39.84 -6.89 32.37
C HIS B 282 38.93 -7.99 31.84
N GLY B 283 38.40 -7.81 30.64
CA GLY B 283 37.49 -8.77 30.05
C GLY B 283 37.42 -8.72 28.54
N VAL B 284 36.36 -9.31 28.01
CA VAL B 284 36.08 -9.37 26.58
C VAL B 284 34.66 -8.85 26.35
N ALA B 285 34.45 -8.21 25.20
CA ALA B 285 33.12 -7.82 24.75
C ALA B 285 32.33 -9.03 24.26
N VAL B 286 31.06 -9.10 24.64
CA VAL B 286 30.21 -10.19 24.19
C VAL B 286 28.92 -9.67 23.54
N ASN B 287 28.77 -10.00 22.27
CA ASN B 287 27.55 -9.67 21.52
C ASN B 287 26.49 -10.74 21.75
N THR B 288 25.47 -10.37 22.52
CA THR B 288 24.39 -11.28 22.86
C THR B 288 23.10 -10.49 22.93
N GLU B 289 22.03 -11.08 22.38
CA GLU B 289 20.70 -10.46 22.33
C GLU B 289 20.69 -9.01 21.83
N ASP B 290 21.37 -8.78 20.71
CA ASP B 290 21.43 -7.48 20.03
C ASP B 290 21.99 -6.35 20.91
N ARG B 291 22.90 -6.73 21.81
CA ARG B 291 23.63 -5.78 22.64
C ARG B 291 25.04 -6.31 22.87
N PHE B 292 25.88 -5.47 23.48
CA PHE B 292 27.19 -5.90 23.98
C PHE B 292 27.20 -5.78 25.50
N VAL B 293 27.67 -6.84 26.15
CA VAL B 293 28.06 -6.82 27.57
C VAL B 293 29.56 -7.15 27.63
N LEU B 294 30.16 -6.89 28.79
CA LEU B 294 31.53 -7.32 29.06
C LEU B 294 31.45 -8.52 29.98
N MET B 295 32.26 -9.54 29.70
CA MET B 295 32.44 -10.63 30.69
C MET B 295 33.85 -11.23 30.67
N LYS B 296 34.10 -12.17 31.56
CA LYS B 296 35.39 -12.84 31.63
C LYS B 296 35.48 -13.87 30.50
N ARG B 297 36.63 -13.91 29.83
CA ARG B 297 36.84 -14.82 28.69
C ARG B 297 36.44 -16.26 28.98
N SER B 298 36.81 -16.76 30.15
CA SER B 298 36.55 -18.15 30.53
C SER B 298 35.07 -18.43 30.66
N GLU B 299 34.32 -17.45 31.17
CA GLU B 299 32.89 -17.60 31.39
C GLU B 299 32.06 -17.54 30.12
N VAL B 300 32.53 -16.80 29.12
CA VAL B 300 31.83 -16.75 27.83
C VAL B 300 32.11 -18.03 27.02
N LEU B 301 33.30 -18.60 27.20
CA LEU B 301 33.64 -19.88 26.58
C LEU B 301 32.83 -21.01 27.21
N GLU B 302 32.66 -20.94 28.52
CA GLU B 302 31.85 -21.90 29.28
C GLU B 302 30.38 -21.82 28.88
N LEU B 303 29.98 -20.68 28.31
CA LEU B 303 28.62 -20.48 27.78
C LEU B 303 28.53 -20.79 26.29
N GLY B 304 29.63 -21.25 25.70
CA GLY B 304 29.68 -21.60 24.29
C GLY B 304 29.76 -20.42 23.34
N GLY B 305 30.50 -19.38 23.75
CA GLY B 305 30.72 -18.20 22.94
C GLY B 305 31.58 -18.47 21.71
N GLU B 306 31.23 -17.83 20.60
CA GLU B 306 31.95 -18.00 19.35
C GLU B 306 32.83 -16.79 19.10
N LEU B 307 34.12 -17.03 18.91
CA LEU B 307 35.08 -15.96 18.68
C LEU B 307 34.81 -15.29 17.35
N VAL B 308 34.67 -13.97 17.38
CA VAL B 308 34.44 -13.17 16.19
C VAL B 308 35.71 -12.40 15.89
N GLN B 309 36.11 -12.43 14.63
CA GLN B 309 37.31 -11.75 14.19
C GLN B 309 36.96 -10.63 13.25
N ILE B 310 37.69 -9.53 13.40
CA ILE B 310 37.49 -8.35 12.57
C ILE B 310 38.85 -7.88 12.09
N ASN B 311 38.97 -7.78 10.76
CA ASN B 311 40.21 -7.40 10.07
C ASN B 311 41.35 -8.38 10.32
N GLY B 312 41.02 -9.67 10.40
CA GLY B 312 42.01 -10.72 10.64
C GLY B 312 42.59 -10.71 12.05
N GLN B 313 41.85 -10.11 12.98
CA GLN B 313 42.28 -9.99 14.37
C GLN B 313 41.12 -10.34 15.32
N PRO B 314 41.39 -11.15 16.36
CA PRO B 314 40.32 -11.51 17.28
C PRO B 314 39.79 -10.25 17.97
N SER B 315 38.47 -10.10 17.96
CA SER B 315 37.84 -8.85 18.36
C SER B 315 37.01 -9.02 19.63
N HIS B 316 36.10 -9.98 19.60
CA HIS B 316 35.15 -10.22 20.69
C HIS B 316 34.50 -11.59 20.54
N TYR B 317 33.52 -11.89 21.39
CA TYR B 317 32.72 -13.12 21.27
C TYR B 317 31.27 -12.82 20.98
N ARG B 318 30.59 -13.77 20.34
CA ARG B 318 29.16 -13.72 20.12
C ARG B 318 28.55 -14.92 20.84
N LEU B 319 27.36 -14.74 21.40
CA LEU B 319 26.63 -15.83 22.03
C LEU B 319 25.46 -16.24 21.17
N PRO B 320 25.32 -17.54 20.92
CA PRO B 320 24.28 -18.07 20.05
C PRO B 320 22.87 -17.71 20.52
N THR C 10 -15.57 -28.06 -25.86
CA THR C 10 -15.89 -26.79 -26.58
C THR C 10 -16.96 -25.95 -25.85
N LEU C 11 -17.90 -26.65 -25.20
CA LEU C 11 -18.93 -26.03 -24.41
C LEU C 11 -18.37 -25.34 -23.14
N PRO C 12 -17.53 -26.04 -22.35
CA PRO C 12 -16.79 -25.32 -21.30
C PRO C 12 -15.95 -24.18 -21.85
N ALA C 13 -15.31 -24.42 -23.00
CA ALA C 13 -14.52 -23.39 -23.68
C ALA C 13 -15.40 -22.20 -24.04
N ARG C 14 -16.63 -22.47 -24.48
CA ARG C 14 -17.59 -21.42 -24.80
C ARG C 14 -18.01 -20.60 -23.57
N VAL C 15 -18.22 -21.26 -22.44
CA VAL C 15 -18.58 -20.56 -21.20
C VAL C 15 -17.45 -19.63 -20.75
N LEU C 16 -16.20 -20.11 -20.86
CA LEU C 16 -15.05 -19.31 -20.42
C LEU C 16 -14.85 -18.10 -21.31
N LYS C 17 -15.17 -18.24 -22.61
CA LYS C 17 -15.11 -17.12 -23.55
C LYS C 17 -15.98 -15.97 -23.08
N GLU C 18 -17.23 -16.26 -22.70
CA GLU C 18 -18.14 -15.26 -22.15
C GLU C 18 -17.51 -14.52 -20.95
N LEU C 19 -16.82 -15.26 -20.09
CA LEU C 19 -16.22 -14.72 -18.86
C LEU C 19 -15.02 -13.81 -19.14
N LEU C 20 -14.15 -14.26 -20.05
CA LEU C 20 -12.91 -13.58 -20.37
C LEU C 20 -13.11 -12.17 -20.96
N LEU C 21 -14.26 -11.94 -21.58
CA LEU C 21 -14.65 -10.63 -22.07
C LEU C 21 -14.70 -9.59 -20.96
N TYR C 22 -14.93 -10.05 -19.73
CA TYR C 22 -15.12 -9.16 -18.60
C TYR C 22 -14.07 -9.33 -17.51
N ARG C 23 -13.00 -10.05 -17.82
CA ARG C 23 -11.94 -10.34 -16.86
C ARG C 23 -11.16 -9.06 -16.58
N ARG C 24 -10.91 -8.77 -15.30
CA ARG C 24 -10.04 -7.67 -14.93
C ARG C 24 -8.61 -8.05 -15.27
N ARG C 25 -7.92 -7.17 -15.98
CA ARG C 25 -6.52 -7.35 -16.33
C ARG C 25 -5.66 -7.20 -15.09
N TYR C 26 -4.70 -8.11 -14.93
CA TYR C 26 -3.90 -8.22 -13.72
C TYR C 26 -2.59 -7.43 -13.82
N GLU C 35 -0.19 -12.34 -25.31
CA GLU C 35 -0.31 -13.06 -24.05
C GLU C 35 -1.50 -14.04 -24.07
N ALA C 36 -1.40 -15.02 -24.97
CA ALA C 36 -2.36 -16.12 -25.03
C ALA C 36 -1.98 -17.21 -24.03
N ASP C 37 -0.83 -17.02 -23.40
CA ASP C 37 -0.34 -17.89 -22.32
C ASP C 37 -1.15 -17.67 -21.05
N GLU C 38 -1.58 -16.42 -20.82
CA GLU C 38 -2.49 -16.06 -19.74
C GLU C 38 -3.79 -16.85 -19.84
N ILE C 39 -4.40 -16.82 -21.03
CA ILE C 39 -5.61 -17.56 -21.35
C ILE C 39 -5.41 -19.08 -21.16
N ARG C 40 -4.28 -19.59 -21.63
CA ARG C 40 -3.89 -21.01 -21.42
C ARG C 40 -3.90 -21.40 -19.94
N ARG C 41 -3.28 -20.56 -19.12
CA ARG C 41 -3.23 -20.77 -17.68
C ARG C 41 -4.62 -20.78 -17.04
N ILE C 42 -5.48 -19.85 -17.47
CA ILE C 42 -6.86 -19.76 -16.98
C ILE C 42 -7.70 -20.96 -17.41
N GLU C 43 -7.60 -21.37 -18.67
CA GLU C 43 -8.33 -22.57 -19.10
C GLU C 43 -7.89 -23.86 -18.39
N GLN C 44 -6.62 -23.94 -18.00
CA GLN C 44 -6.13 -25.08 -17.22
C GLN C 44 -6.86 -25.16 -15.89
N VAL C 45 -7.04 -24.01 -15.26
CA VAL C 45 -7.68 -23.91 -13.94
C VAL C 45 -9.20 -23.98 -14.04
N GLN C 46 -9.79 -23.23 -14.95
CA GLN C 46 -11.25 -23.02 -14.94
C GLN C 46 -12.06 -24.02 -15.78
N LEU C 47 -11.50 -24.47 -16.90
CA LEU C 47 -12.23 -25.39 -17.77
C LEU C 47 -12.74 -26.68 -17.08
N PRO C 48 -11.86 -27.41 -16.35
CA PRO C 48 -12.39 -28.61 -15.68
C PRO C 48 -13.46 -28.31 -14.64
N ARG C 49 -13.44 -27.11 -14.08
CA ARG C 49 -14.41 -26.69 -13.07
C ARG C 49 -15.76 -26.44 -13.71
N ILE C 50 -15.74 -25.74 -14.84
CA ILE C 50 -16.93 -25.53 -15.68
C ILE C 50 -17.45 -26.87 -16.21
N ALA C 51 -16.54 -27.72 -16.65
CA ALA C 51 -16.86 -29.04 -17.20
C ALA C 51 -17.62 -29.95 -16.22
N ALA C 52 -17.22 -29.92 -14.95
CA ALA C 52 -17.89 -30.71 -13.93
C ALA C 52 -19.41 -30.47 -13.87
N PHE C 53 -19.85 -29.25 -14.12
CA PHE C 53 -21.30 -28.95 -14.12
C PHE C 53 -21.97 -29.42 -15.42
N ILE C 54 -21.28 -29.18 -16.54
CA ILE C 54 -21.77 -29.55 -17.88
C ILE C 54 -21.91 -31.07 -18.07
N GLU C 55 -20.94 -31.83 -17.55
CA GLU C 55 -21.00 -33.30 -17.58
C GLU C 55 -22.16 -33.81 -16.74
N ALA C 56 -22.45 -33.09 -15.66
CA ALA C 56 -23.52 -33.47 -14.74
C ALA C 56 -24.89 -33.04 -15.25
N GLY C 57 -24.92 -32.26 -16.32
CA GLY C 57 -26.15 -31.65 -16.85
C GLY C 57 -26.75 -30.59 -15.94
N GLU C 58 -25.95 -30.07 -15.02
CA GLU C 58 -26.40 -29.12 -14.00
C GLU C 58 -26.14 -27.68 -14.41
N PRO C 59 -26.89 -26.72 -13.80
CA PRO C 59 -26.50 -25.32 -13.96
C PRO C 59 -25.07 -25.10 -13.50
N ILE C 60 -24.34 -24.25 -14.21
CA ILE C 60 -22.99 -23.86 -13.82
C ILE C 60 -23.07 -22.82 -12.70
N GLU C 61 -22.52 -23.15 -11.54
CA GLU C 61 -22.59 -22.31 -10.35
C GLU C 61 -21.37 -21.39 -10.24
N PHE C 62 -21.62 -20.11 -9.98
CA PHE C 62 -20.55 -19.15 -9.70
C PHE C 62 -20.79 -18.56 -8.31
N VAL C 63 -19.70 -18.18 -7.63
CA VAL C 63 -19.80 -17.45 -6.37
C VAL C 63 -18.97 -16.19 -6.49
N LEU C 64 -19.46 -15.12 -5.87
CA LEU C 64 -18.86 -13.80 -5.97
C LEU C 64 -19.07 -13.06 -4.66
N PRO C 65 -18.00 -12.92 -3.85
CA PRO C 65 -18.12 -12.08 -2.66
C PRO C 65 -18.18 -10.62 -3.10
N ALA C 66 -19.33 -10.00 -2.87
CA ALA C 66 -19.61 -8.63 -3.36
C ALA C 66 -20.85 -8.05 -2.70
N PHE C 67 -21.15 -6.79 -2.99
CA PHE C 67 -22.31 -6.09 -2.46
C PHE C 67 -22.47 -6.23 -0.93
N PRO C 68 -21.44 -5.83 -0.15
CA PRO C 68 -21.60 -5.92 1.30
C PRO C 68 -22.60 -4.91 1.87
N ALA C 69 -22.51 -3.67 1.38
CA ALA C 69 -23.27 -2.54 1.88
C ALA C 69 -22.63 -1.32 1.23
N LYS C 70 -23.33 -0.19 1.25
CA LYS C 70 -22.77 1.07 0.74
C LYS C 70 -21.68 1.61 1.66
N SER C 71 -20.72 2.32 1.08
CA SER C 71 -19.73 3.06 1.86
C SER C 71 -20.46 3.97 2.85
N PRO C 72 -20.00 4.01 4.11
CA PRO C 72 -20.53 4.96 5.11
C PRO C 72 -20.28 6.44 4.79
N ASN C 73 -19.38 6.71 3.84
CA ASN C 73 -18.97 8.06 3.47
C ASN C 73 -19.92 8.76 2.46
N PRO C 74 -20.64 9.81 2.92
CA PRO C 74 -21.59 10.59 2.09
C PRO C 74 -20.95 11.35 0.91
N GLY C 75 -19.64 11.56 0.96
CA GLY C 75 -18.91 12.12 -0.18
C GLY C 75 -18.73 11.10 -1.30
N LYS C 76 -18.91 9.81 -0.96
CA LYS C 76 -18.78 8.73 -1.94
C LYS C 76 -20.10 8.28 -2.55
N VAL C 77 -21.11 8.03 -1.71
CA VAL C 77 -22.38 7.44 -2.14
C VAL C 77 -23.59 8.36 -1.89
N LEU C 78 -24.68 8.12 -2.62
CA LEU C 78 -25.92 8.87 -2.46
C LEU C 78 -26.58 8.60 -1.12
N ASP C 79 -26.53 7.34 -0.69
CA ASP C 79 -27.29 6.90 0.47
C ASP C 79 -26.83 5.50 0.83
N SER C 80 -27.35 4.98 1.93
CA SER C 80 -27.01 3.66 2.43
C SER C 80 -27.76 2.56 1.69
N ARG C 81 -28.70 2.96 0.83
CA ARG C 81 -29.49 2.06 0.01
C ARG C 81 -28.75 1.69 -1.27
N PRO C 82 -29.00 0.48 -1.80
CA PRO C 82 -28.50 0.19 -3.14
C PRO C 82 -29.23 1.06 -4.16
N ASP C 83 -28.51 1.54 -5.18
CA ASP C 83 -29.13 2.44 -6.14
C ASP C 83 -28.86 2.00 -7.57
N MET C 84 -28.90 2.92 -8.52
CA MET C 84 -28.67 2.60 -9.93
C MET C 84 -27.33 1.87 -10.16
N ALA C 85 -26.34 2.15 -9.31
CA ALA C 85 -25.05 1.47 -9.46
C ALA C 85 -25.20 -0.05 -9.35
N GLU C 86 -25.76 -0.54 -8.25
CA GLU C 86 -25.98 -1.98 -8.17
C GLU C 86 -27.06 -2.51 -9.12
N ARG C 87 -28.03 -1.67 -9.45
CA ARG C 87 -29.04 -2.02 -10.43
C ARG C 87 -28.40 -2.40 -11.77
N LEU C 88 -27.48 -1.56 -12.25
CA LEU C 88 -26.78 -1.79 -13.52
C LEU C 88 -25.83 -2.98 -13.44
N SER C 89 -25.09 -3.08 -12.33
CA SER C 89 -24.17 -4.20 -12.11
C SER C 89 -24.91 -5.55 -12.04
N LEU C 90 -25.91 -5.65 -11.18
CA LEU C 90 -26.71 -6.88 -11.03
C LEU C 90 -27.33 -7.32 -12.36
N SER C 91 -27.94 -6.36 -13.06
CA SER C 91 -28.57 -6.63 -14.35
C SER C 91 -27.54 -7.14 -15.38
N PHE C 92 -26.33 -6.59 -15.35
CA PHE C 92 -25.24 -7.05 -16.23
C PHE C 92 -24.79 -8.47 -15.88
N LEU C 93 -24.59 -8.75 -14.60
CA LEU C 93 -24.25 -10.10 -14.14
C LEU C 93 -25.33 -11.12 -14.52
N ASN C 94 -26.60 -10.74 -14.36
CA ASN C 94 -27.71 -11.57 -14.84
C ASN C 94 -27.69 -11.83 -16.36
N HIS C 95 -27.38 -10.80 -17.17
CA HIS C 95 -27.31 -10.96 -18.63
C HIS C 95 -26.19 -11.91 -19.03
N LEU C 96 -25.12 -11.91 -18.23
CA LEU C 96 -24.01 -12.84 -18.40
C LEU C 96 -24.45 -14.31 -18.25
N CYS C 97 -25.29 -14.58 -17.25
CA CYS C 97 -25.83 -15.94 -17.05
C CYS C 97 -26.81 -16.31 -18.17
N GLN C 98 -27.70 -15.37 -18.50
CA GLN C 98 -28.65 -15.52 -19.61
C GLN C 98 -27.93 -15.89 -20.89
N ARG C 99 -26.80 -15.23 -21.12
CA ARG C 99 -26.00 -15.41 -22.32
C ARG C 99 -25.40 -16.82 -22.38
N ILE C 100 -24.98 -17.35 -21.23
CA ILE C 100 -24.52 -18.74 -21.12
C ILE C 100 -25.66 -19.73 -21.37
N GLN C 101 -26.85 -19.42 -20.83
CA GLN C 101 -28.01 -20.30 -21.00
C GLN C 101 -28.49 -20.39 -22.44
N LEU C 102 -28.07 -19.44 -23.28
CA LEU C 102 -28.42 -19.47 -24.71
C LEU C 102 -27.85 -20.70 -25.39
N PHE C 103 -26.64 -21.10 -25.02
CA PHE C 103 -26.04 -22.32 -25.59
C PHE C 103 -26.01 -23.54 -24.64
N TYR C 104 -26.11 -23.31 -23.33
CA TYR C 104 -26.16 -24.43 -22.36
C TYR C 104 -27.46 -24.37 -21.57
N ALA C 105 -28.39 -25.28 -21.88
CA ALA C 105 -29.79 -25.17 -21.43
C ALA C 105 -30.00 -25.03 -19.92
N PRO C 106 -29.31 -25.87 -19.11
CA PRO C 106 -29.36 -25.70 -17.65
C PRO C 106 -28.84 -24.34 -17.15
N GLY C 107 -28.01 -23.66 -17.93
CA GLY C 107 -27.63 -22.28 -17.64
C GLY C 107 -26.60 -22.09 -16.55
N ALA C 108 -26.64 -20.93 -15.93
CA ALA C 108 -25.63 -20.47 -15.01
C ALA C 108 -26.29 -19.65 -13.92
N LYS C 109 -25.72 -19.67 -12.73
CA LYS C 109 -26.28 -18.92 -11.61
C LYS C 109 -25.12 -18.31 -10.85
N ILE C 110 -25.25 -17.04 -10.46
CA ILE C 110 -24.28 -16.41 -9.61
C ILE C 110 -24.92 -16.20 -8.25
N THR C 111 -24.25 -16.72 -7.23
CA THR C 111 -24.62 -16.47 -5.86
C THR C 111 -23.66 -15.41 -5.33
N VAL C 112 -24.18 -14.21 -5.10
CA VAL C 112 -23.35 -13.19 -4.49
C VAL C 112 -23.23 -13.50 -2.99
N CYS C 113 -21.99 -13.67 -2.57
CA CYS C 113 -21.68 -14.10 -1.23
C CYS C 113 -21.26 -12.89 -0.44
N SER C 114 -22.26 -12.13 -0.03
CA SER C 114 -22.06 -10.85 0.58
C SER C 114 -21.14 -10.95 1.81
N ASP C 115 -20.14 -10.07 1.85
CA ASP C 115 -19.22 -9.99 2.97
C ASP C 115 -19.53 -8.86 3.96
N GLY C 116 -20.74 -8.29 3.89
CA GLY C 116 -21.15 -7.21 4.77
C GLY C 116 -21.10 -7.57 6.24
N ARG C 117 -21.76 -8.67 6.59
CA ARG C 117 -21.78 -9.21 7.96
C ARG C 117 -20.40 -9.60 8.48
N VAL C 118 -19.51 -9.90 7.54
CA VAL C 118 -18.21 -10.49 7.82
C VAL C 118 -17.24 -9.56 8.59
N PHE C 119 -17.34 -8.26 8.35
CA PHE C 119 -16.42 -7.28 8.94
C PHE C 119 -16.82 -6.73 10.32
N GLY C 120 -18.09 -6.36 10.46
CA GLY C 120 -18.56 -5.71 11.67
C GLY C 120 -17.76 -4.45 12.00
N ASP C 121 -17.21 -4.42 13.21
CA ASP C 121 -16.58 -3.24 13.78
C ASP C 121 -15.39 -2.66 12.99
N LEU C 122 -14.89 -3.42 12.02
CA LEU C 122 -13.67 -3.07 11.30
C LEU C 122 -13.91 -2.05 10.20
N VAL C 123 -15.04 -2.21 9.52
CA VAL C 123 -15.39 -1.42 8.35
C VAL C 123 -16.32 -0.25 8.71
N ARG C 124 -16.86 -0.27 9.93
CA ARG C 124 -17.64 0.83 10.51
C ARG C 124 -19.01 1.01 9.84
N ILE C 125 -19.63 -0.11 9.45
CA ILE C 125 -21.03 -0.12 9.04
C ILE C 125 -21.79 -1.00 10.04
N GLY C 126 -22.80 -0.42 10.67
CA GLY C 126 -23.54 -1.12 11.72
C GLY C 126 -24.33 -2.28 11.17
N ASP C 127 -24.62 -3.26 12.01
CA ASP C 127 -25.36 -4.45 11.60
C ASP C 127 -26.78 -4.20 11.08
N ALA C 128 -27.44 -3.18 11.62
CA ALA C 128 -28.76 -2.77 11.14
C ALA C 128 -28.70 -2.20 9.72
N HIS C 129 -27.63 -1.46 9.42
CA HIS C 129 -27.42 -0.97 8.06
C HIS C 129 -27.12 -2.13 7.12
N ILE C 130 -26.33 -3.10 7.59
CA ILE C 130 -26.04 -4.31 6.83
C ILE C 130 -27.31 -5.09 6.46
N SER C 131 -28.21 -5.28 7.44
CA SER C 131 -29.49 -5.96 7.21
C SER C 131 -30.37 -5.25 6.18
N ALA C 132 -30.56 -3.93 6.35
CA ALA C 132 -31.37 -3.13 5.45
C ALA C 132 -30.84 -3.10 3.99
N TYR C 133 -29.52 -3.03 3.83
CA TYR C 133 -28.93 -3.11 2.50
C TYR C 133 -29.16 -4.49 1.87
N GLN C 134 -29.03 -5.53 2.68
CA GLN C 134 -29.22 -6.89 2.19
C GLN C 134 -30.67 -7.14 1.75
N ASP C 135 -31.63 -6.67 2.56
CA ASP C 135 -33.05 -6.81 2.22
C ASP C 135 -33.38 -6.03 0.94
N ALA C 136 -32.75 -4.85 0.79
CA ALA C 136 -32.99 -3.98 -0.34
C ALA C 136 -32.40 -4.51 -1.65
N LEU C 137 -31.24 -5.17 -1.55
CA LEU C 137 -30.60 -5.88 -2.66
C LEU C 137 -31.42 -7.09 -3.14
N ARG C 138 -31.89 -7.92 -2.20
CA ARG C 138 -32.84 -9.02 -2.54
C ARG C 138 -34.04 -8.51 -3.31
N LEU C 139 -34.65 -7.43 -2.80
CA LEU C 139 -35.82 -6.82 -3.42
C LEU C 139 -35.48 -6.23 -4.80
N MET C 140 -34.34 -5.55 -4.91
CA MET C 140 -33.85 -5.03 -6.19
C MET C 140 -33.73 -6.16 -7.20
N ILE C 141 -33.12 -7.26 -6.77
CA ILE C 141 -32.95 -8.43 -7.62
C ILE C 141 -34.28 -8.92 -8.19
N GLU C 142 -35.31 -9.01 -7.33
CA GLU C 142 -36.66 -9.40 -7.75
C GLU C 142 -37.24 -8.41 -8.77
N GLU C 143 -37.16 -7.11 -8.47
CA GLU C 143 -37.81 -6.13 -9.32
C GLU C 143 -37.12 -5.96 -10.69
N ILE C 144 -35.83 -6.24 -10.78
CA ILE C 144 -35.17 -6.11 -12.08
C ILE C 144 -35.26 -7.42 -12.87
N GLY C 145 -35.90 -8.42 -12.26
CA GLY C 145 -36.11 -9.72 -12.90
C GLY C 145 -34.84 -10.51 -13.09
N ALA C 146 -33.86 -10.26 -12.20
CA ALA C 146 -32.55 -10.92 -12.26
C ALA C 146 -32.62 -12.29 -11.60
N THR C 147 -33.24 -13.23 -12.30
CA THR C 147 -33.57 -14.52 -11.75
C THR C 147 -32.36 -15.48 -11.57
N HIS C 148 -31.26 -15.20 -12.27
CA HIS C 148 -30.05 -16.05 -12.16
C HIS C 148 -29.12 -15.63 -11.00
N ILE C 149 -29.54 -14.60 -10.25
CA ILE C 149 -28.74 -14.07 -9.14
C ILE C 149 -29.35 -14.39 -7.78
N GLY C 150 -28.55 -15.07 -6.94
CA GLY C 150 -28.92 -15.35 -5.56
C GLY C 150 -28.03 -14.62 -4.57
N VAL C 151 -28.45 -14.58 -3.31
CA VAL C 151 -27.71 -13.94 -2.26
C VAL C 151 -27.42 -14.96 -1.13
N PHE C 152 -26.20 -14.95 -0.60
CA PHE C 152 -25.79 -15.79 0.54
C PHE C 152 -25.01 -14.93 1.53
N ASN C 153 -25.43 -14.95 2.79
CA ASN C 153 -24.84 -14.12 3.84
C ASN C 153 -24.30 -14.96 4.98
N LEU C 154 -23.44 -14.40 5.81
CA LEU C 154 -22.90 -15.16 6.95
C LEU C 154 -24.00 -15.82 7.81
N GLU C 155 -25.13 -15.14 8.01
CA GLU C 155 -26.21 -15.70 8.85
C GLU C 155 -26.92 -16.88 8.22
N ASP C 156 -26.60 -17.15 6.96
CA ASP C 156 -27.20 -18.24 6.19
C ASP C 156 -26.43 -19.57 6.33
N VAL C 157 -25.23 -19.50 6.92
CA VAL C 157 -24.41 -20.69 7.12
C VAL C 157 -25.15 -21.57 8.12
N ARG C 158 -25.63 -22.71 7.63
CA ARG C 158 -26.40 -23.65 8.46
C ARG C 158 -25.66 -24.08 9.73
N ALA C 159 -24.33 -24.23 9.65
CA ALA C 159 -23.52 -24.64 10.82
C ALA C 159 -23.61 -23.65 11.98
N PHE C 160 -23.79 -22.36 11.64
CA PHE C 160 -23.79 -21.27 12.61
C PHE C 160 -25.21 -20.85 13.00
N GLU C 161 -26.17 -21.74 12.78
CA GLU C 161 -27.60 -21.47 12.94
C GLU C 161 -28.00 -21.01 14.34
N ALA C 162 -27.32 -21.54 15.37
CA ALA C 162 -27.61 -21.19 16.77
C ALA C 162 -27.26 -19.72 17.09
N GLN C 163 -26.26 -19.19 16.40
CA GLN C 163 -25.85 -17.79 16.58
C GLN C 163 -26.34 -16.89 15.46
N ARG C 164 -27.42 -17.31 14.79
CA ARG C 164 -27.93 -16.59 13.63
C ARG C 164 -28.24 -15.12 13.91
N ASP C 165 -28.75 -14.86 15.11
CA ASP C 165 -29.18 -13.53 15.52
C ASP C 165 -28.23 -12.81 16.48
N ASN C 166 -27.09 -13.44 16.79
CA ASN C 166 -26.00 -12.76 17.48
C ASN C 166 -24.87 -12.56 16.48
N HIS C 167 -24.94 -11.46 15.74
CA HIS C 167 -24.02 -11.16 14.63
C HIS C 167 -22.55 -11.11 15.05
N GLU C 168 -22.28 -10.71 16.30
CA GLU C 168 -20.92 -10.72 16.79
C GLU C 168 -20.41 -12.13 17.02
N GLN C 169 -21.26 -12.98 17.56
CA GLN C 169 -20.93 -14.39 17.77
C GLN C 169 -20.79 -15.13 16.41
N LEU C 170 -21.55 -14.70 15.41
CA LEU C 170 -21.38 -15.16 14.03
C LEU C 170 -19.99 -14.87 13.48
N ARG C 171 -19.49 -13.67 13.74
CA ARG C 171 -18.15 -13.28 13.30
C ARG C 171 -17.09 -14.08 14.00
N GLN C 172 -17.32 -14.36 15.29
CA GLN C 172 -16.41 -15.18 16.07
C GLN C 172 -16.36 -16.62 15.57
N LEU C 173 -17.53 -17.13 15.14
CA LEU C 173 -17.61 -18.46 14.54
C LEU C 173 -16.88 -18.50 13.19
N LEU C 174 -17.04 -17.43 12.41
CA LEU C 174 -16.29 -17.28 11.17
C LEU C 174 -14.77 -17.24 11.43
N ILE C 175 -14.37 -16.37 12.35
CA ILE C 175 -12.97 -16.22 12.75
C ILE C 175 -12.40 -17.54 13.29
N GLY C 176 -13.04 -18.09 14.31
CA GLY C 176 -12.58 -19.33 14.95
C GLY C 176 -12.57 -20.51 14.00
N GLY C 177 -13.54 -20.56 13.12
CA GLY C 177 -13.67 -21.67 12.18
C GLY C 177 -12.81 -21.59 10.94
N TYR C 178 -12.49 -20.37 10.48
CA TYR C 178 -11.87 -20.19 9.16
C TYR C 178 -10.68 -19.23 9.06
N ALA C 179 -10.43 -18.42 10.09
CA ALA C 179 -9.40 -17.39 9.97
C ALA C 179 -8.01 -17.95 10.22
N GLU C 180 -7.01 -17.30 9.62
CA GLU C 180 -5.62 -17.44 10.05
C GLU C 180 -5.38 -16.42 11.17
N PRO C 181 -4.38 -16.69 12.05
CA PRO C 181 -4.10 -15.72 13.10
C PRO C 181 -3.79 -14.34 12.51
N LEU C 182 -4.29 -13.30 13.20
CA LEU C 182 -4.10 -11.90 12.80
C LEU C 182 -2.64 -11.56 12.58
N GLU C 183 -1.79 -11.97 13.53
CA GLU C 183 -0.38 -11.60 13.52
C GLU C 183 0.42 -12.34 12.45
N SER C 184 -0.24 -13.26 11.76
CA SER C 184 0.35 -13.98 10.64
C SER C 184 -0.04 -13.31 9.32
N ILE C 185 -1.10 -12.51 9.36
CA ILE C 185 -1.70 -11.97 8.14
C ILE C 185 -0.72 -11.04 7.41
N ARG C 186 -0.08 -10.16 8.18
CA ARG C 186 0.89 -9.22 7.64
C ARG C 186 1.97 -9.97 6.87
N GLU C 187 2.53 -10.98 7.52
CA GLU C 187 3.60 -11.80 6.97
C GLU C 187 3.19 -12.41 5.63
N THR C 188 1.98 -12.93 5.57
CA THR C 188 1.43 -13.55 4.37
C THR C 188 1.33 -12.53 3.22
N LEU C 189 0.63 -11.43 3.49
CA LEU C 189 0.50 -10.31 2.54
C LEU C 189 1.82 -9.84 1.91
N LEU C 190 2.87 -9.74 2.71
CA LEU C 190 4.17 -9.27 2.23
C LEU C 190 4.95 -10.29 1.40
N ALA C 191 4.46 -11.54 1.41
CA ALA C 191 5.17 -12.65 0.77
C ALA C 191 5.20 -12.50 -0.74
N SER C 192 4.20 -11.83 -1.30
CA SER C 192 4.05 -11.72 -2.76
C SER C 192 3.44 -10.40 -3.23
N GLU C 193 3.77 -10.04 -4.46
CA GLU C 193 3.23 -8.85 -5.12
C GLU C 193 1.71 -8.83 -5.11
N GLU C 194 1.09 -10.02 -5.11
CA GLU C 194 -0.38 -10.15 -5.06
C GLU C 194 -0.95 -9.75 -3.70
N GLY C 195 -0.23 -10.12 -2.62
CA GLY C 195 -0.58 -9.67 -1.28
C GLY C 195 -0.45 -8.15 -1.15
N LEU C 196 0.68 -7.62 -1.59
CA LEU C 196 0.89 -6.17 -1.64
C LEU C 196 -0.21 -5.46 -2.42
N LEU C 197 -0.60 -6.06 -3.55
CA LEU C 197 -1.70 -5.56 -4.35
C LEU C 197 -3.00 -5.54 -3.55
N LEU C 198 -3.29 -6.62 -2.81
CA LEU C 198 -4.51 -6.64 -2.00
C LEU C 198 -4.43 -5.62 -0.87
N TYR C 199 -3.27 -5.59 -0.20
CA TYR C 199 -3.04 -4.67 0.91
C TYR C 199 -3.32 -3.21 0.55
N ARG C 200 -2.80 -2.76 -0.59
CA ARG C 200 -3.01 -1.39 -1.06
C ARG C 200 -4.48 -1.11 -1.37
N ALA C 201 -5.12 -2.02 -2.10
CA ALA C 201 -6.54 -1.91 -2.45
C ALA C 201 -7.44 -1.77 -1.22
N ILE C 202 -7.23 -2.64 -0.23
CA ILE C 202 -8.01 -2.59 1.01
C ILE C 202 -7.73 -1.33 1.82
N THR C 203 -6.44 -0.99 1.99
CA THR C 203 -6.04 0.25 2.67
C THR C 203 -6.77 1.44 2.04
N ARG C 204 -6.82 1.42 0.71
CA ARG C 204 -7.49 2.46 -0.06
C ARG C 204 -9.00 2.51 0.19
N PHE C 205 -9.67 1.36 0.22
CA PHE C 205 -11.09 1.34 0.57
C PHE C 205 -11.26 2.07 1.90
N LEU C 206 -10.55 1.60 2.92
CA LEU C 206 -10.71 2.11 4.28
C LEU C 206 -10.39 3.61 4.38
N TYR C 207 -9.29 4.03 3.76
CA TYR C 207 -8.91 5.45 3.71
C TYR C 207 -9.95 6.34 3.03
N GLU C 208 -10.45 5.92 1.86
CA GLU C 208 -11.46 6.71 1.15
C GLU C 208 -12.81 6.77 1.89
N ASP C 209 -13.21 5.66 2.50
CA ASP C 209 -14.35 5.65 3.41
C ASP C 209 -14.19 6.63 4.58
N GLY C 210 -12.96 6.78 5.04
CA GLY C 210 -12.64 7.66 6.16
C GLY C 210 -12.55 9.12 5.77
N LEU C 211 -12.09 9.37 4.54
CA LEU C 211 -11.93 10.73 4.04
C LEU C 211 -13.29 11.36 3.69
N THR C 212 -14.05 11.70 4.74
CA THR C 212 -15.40 12.28 4.61
C THR C 212 -15.32 13.74 4.16
N PRO C 213 -16.44 14.29 3.63
CA PRO C 213 -16.42 15.71 3.19
C PRO C 213 -15.91 16.70 4.24
N ASP C 214 -15.12 17.67 3.77
CA ASP C 214 -14.52 18.69 4.63
C ASP C 214 -13.97 18.10 5.94
N TYR C 215 -13.30 16.96 5.81
CA TYR C 215 -12.79 16.21 6.94
C TYR C 215 -11.89 17.06 7.83
N GLN C 216 -12.28 17.17 9.10
CA GLN C 216 -11.61 18.09 10.04
C GLN C 216 -10.45 17.48 10.83
N GLY C 217 -10.32 16.15 10.77
CA GLY C 217 -9.19 15.45 11.42
C GLY C 217 -7.88 15.53 10.65
N SER C 218 -6.97 14.50 10.96
CA SER C 218 -5.71 14.48 10.21
C SER C 218 -5.74 13.38 9.14
N LYS C 219 -5.29 13.73 7.93
CA LYS C 219 -5.22 12.79 6.82
C LYS C 219 -4.02 11.85 6.98
N THR C 220 -3.13 12.21 7.90
CA THR C 220 -1.96 11.41 8.25
C THR C 220 -2.30 10.32 9.28
N ALA C 221 -3.15 10.69 10.25
CA ALA C 221 -3.65 9.74 11.27
C ALA C 221 -4.77 8.85 10.73
N LEU C 222 -5.44 9.31 9.67
CA LEU C 222 -6.47 8.52 9.04
C LEU C 222 -5.86 7.35 8.28
N GLN C 223 -4.96 7.65 7.34
CA GLN C 223 -4.33 6.60 6.52
C GLN C 223 -3.59 5.56 7.35
N ARG C 224 -2.90 6.01 8.40
CA ARG C 224 -2.22 5.11 9.34
C ARG C 224 -3.23 4.14 9.97
N ASP C 225 -4.34 4.70 10.43
CA ASP C 225 -5.44 3.93 11.02
C ASP C 225 -5.97 2.91 10.00
N ALA C 226 -5.88 3.26 8.72
CA ALA C 226 -6.35 2.41 7.63
C ALA C 226 -5.39 1.25 7.30
N LYS C 227 -4.09 1.53 7.24
CA LYS C 227 -3.07 0.50 7.03
C LYS C 227 -3.10 -0.55 8.15
N GLU C 228 -3.33 -0.09 9.39
CA GLU C 228 -3.49 -0.99 10.53
C GLU C 228 -4.75 -1.86 10.39
N ARG C 229 -5.88 -1.24 10.02
CA ARG C 229 -7.17 -1.94 9.92
C ARG C 229 -7.28 -2.88 8.73
N ALA C 230 -6.46 -2.64 7.70
CA ALA C 230 -6.42 -3.51 6.52
C ALA C 230 -6.19 -4.98 6.87
N TYR C 231 -5.26 -5.25 7.79
CA TYR C 231 -4.91 -6.61 8.19
C TYR C 231 -6.12 -7.41 8.68
N GLY C 232 -6.94 -6.78 9.53
CA GLY C 232 -8.11 -7.42 10.09
C GLY C 232 -9.19 -7.62 9.04
N VAL C 233 -9.35 -6.64 8.15
CA VAL C 233 -10.35 -6.70 7.08
C VAL C 233 -10.01 -7.86 6.13
N ILE C 234 -8.73 -7.99 5.80
CA ILE C 234 -8.26 -9.07 4.93
C ILE C 234 -8.37 -10.45 5.61
N GLN C 235 -7.99 -10.53 6.88
CA GLN C 235 -8.24 -11.73 7.69
C GLN C 235 -9.68 -12.24 7.55
N ARG C 236 -10.63 -11.34 7.70
CA ARG C 236 -12.07 -11.64 7.61
C ARG C 236 -12.49 -12.06 6.23
N SER C 237 -11.98 -11.37 5.20
CA SER C 237 -12.28 -11.72 3.81
C SER C 237 -11.76 -13.10 3.47
N TRP C 238 -10.52 -13.38 3.84
CA TRP C 238 -9.90 -14.68 3.58
C TRP C 238 -10.64 -15.79 4.32
N ALA C 239 -11.09 -15.50 5.54
CA ALA C 239 -11.90 -16.44 6.32
C ALA C 239 -13.21 -16.74 5.61
N TRP C 240 -13.84 -15.71 5.03
CA TRP C 240 -15.13 -15.83 4.32
C TRP C 240 -14.91 -16.66 3.06
N GLY C 241 -13.89 -16.29 2.28
CA GLY C 241 -13.47 -17.10 1.13
C GLY C 241 -13.30 -18.58 1.46
N ALA C 242 -12.63 -18.87 2.58
CA ALA C 242 -12.33 -20.24 2.98
C ALA C 242 -13.61 -20.98 3.43
N LEU C 243 -14.52 -20.24 4.04
CA LEU C 243 -15.81 -20.79 4.46
C LEU C 243 -16.58 -21.20 3.22
N LEU C 244 -16.59 -20.31 2.24
CA LEU C 244 -17.35 -20.49 0.99
C LEU C 244 -16.82 -21.64 0.14
N ALA C 245 -15.53 -21.93 0.27
CA ALA C 245 -14.92 -23.09 -0.39
C ALA C 245 -15.54 -24.41 0.08
N ASP C 246 -15.98 -24.47 1.34
CA ASP C 246 -16.70 -25.65 1.88
C ASP C 246 -18.20 -25.65 1.58
N GLN C 247 -18.82 -24.47 1.56
CA GLN C 247 -20.25 -24.34 1.25
C GLN C 247 -20.51 -24.71 -0.22
N PHE C 248 -19.68 -24.17 -1.12
CA PHE C 248 -19.85 -24.36 -2.56
C PHE C 248 -18.53 -24.82 -3.20
N PRO C 249 -18.12 -26.07 -2.95
CA PRO C 249 -16.78 -26.49 -3.38
C PRO C 249 -16.57 -26.52 -4.89
N ARG C 250 -17.64 -26.71 -5.66
CA ARG C 250 -17.52 -26.85 -7.11
C ARG C 250 -17.68 -25.52 -7.86
N ALA C 251 -18.32 -24.54 -7.25
CA ALA C 251 -18.61 -23.26 -7.93
C ALA C 251 -17.36 -22.55 -8.46
N ILE C 252 -17.49 -21.91 -9.62
CA ILE C 252 -16.42 -21.08 -10.15
C ILE C 252 -16.31 -19.84 -9.28
N ARG C 253 -15.10 -19.56 -8.79
CA ARG C 253 -14.90 -18.44 -7.86
C ARG C 253 -14.59 -17.14 -8.59
N LEU C 254 -15.56 -16.22 -8.55
CA LEU C 254 -15.39 -14.90 -9.13
C LEU C 254 -14.94 -13.96 -8.02
N SER C 255 -14.29 -12.88 -8.41
CA SER C 255 -13.80 -11.88 -7.47
C SER C 255 -13.93 -10.48 -8.04
N ILE C 256 -14.05 -9.48 -7.18
CA ILE C 256 -14.00 -8.08 -7.63
C ILE C 256 -12.60 -7.58 -7.91
N HIS C 257 -11.62 -8.31 -7.37
CA HIS C 257 -10.20 -7.94 -7.52
C HIS C 257 -9.61 -8.65 -8.72
N PRO C 258 -8.63 -8.02 -9.39
CA PRO C 258 -7.83 -8.72 -10.40
C PRO C 258 -7.12 -9.94 -9.80
N GLN C 259 -6.96 -10.98 -10.60
CA GLN C 259 -6.35 -12.23 -10.14
C GLN C 259 -5.32 -12.73 -11.14
N PRO C 260 -4.20 -13.31 -10.64
CA PRO C 260 -3.24 -13.90 -11.56
C PRO C 260 -3.88 -15.05 -12.34
N ALA C 261 -3.32 -15.40 -13.50
CA ALA C 261 -3.92 -16.40 -14.38
C ALA C 261 -3.97 -17.82 -13.78
N ASP C 262 -3.16 -18.05 -12.75
CA ASP C 262 -3.09 -19.36 -12.11
C ASP C 262 -3.97 -19.45 -10.85
N SER C 263 -4.68 -18.39 -10.52
CA SER C 263 -5.55 -18.37 -9.35
C SER C 263 -6.82 -19.17 -9.61
N LEU C 264 -7.42 -19.69 -8.54
CA LEU C 264 -8.72 -20.36 -8.62
C LEU C 264 -9.83 -19.30 -8.74
N LYS C 265 -9.52 -18.09 -8.28
CA LYS C 265 -10.39 -16.95 -8.40
C LYS C 265 -10.23 -16.29 -9.77
N PHE C 266 -11.34 -15.80 -10.29
CA PHE C 266 -11.38 -15.17 -11.60
C PHE C 266 -11.94 -13.76 -11.36
N GLY C 267 -11.07 -12.77 -11.49
CA GLY C 267 -11.43 -11.38 -11.27
C GLY C 267 -12.23 -10.85 -12.44
N ILE C 268 -13.38 -10.27 -12.13
CA ILE C 268 -14.31 -9.87 -13.17
C ILE C 268 -14.77 -8.43 -12.97
N HIS C 269 -15.03 -7.74 -14.09
CA HIS C 269 -15.60 -6.40 -14.03
C HIS C 269 -17.02 -6.47 -13.54
N MET C 270 -17.39 -5.48 -12.74
CA MET C 270 -18.70 -5.40 -12.15
C MET C 270 -19.66 -4.62 -13.04
N MET C 271 -19.16 -4.11 -14.16
CA MET C 271 -19.93 -3.22 -15.04
C MET C 271 -19.72 -3.63 -16.50
N PRO C 272 -20.78 -3.57 -17.35
CA PRO C 272 -20.67 -4.03 -18.75
C PRO C 272 -19.70 -3.22 -19.62
N THR C 273 -19.31 -2.05 -19.14
CA THR C 273 -18.43 -1.13 -19.87
C THR C 273 -16.93 -1.38 -19.58
N ARG C 274 -16.64 -2.18 -18.54
CA ARG C 274 -15.27 -2.60 -18.20
C ARG C 274 -14.35 -1.40 -17.89
N ASP C 275 -14.94 -0.37 -17.27
N ASP C 275 -14.94 -0.36 -17.30
CA ASP C 275 -14.21 0.85 -16.97
CA ASP C 275 -14.20 0.85 -16.97
C ASP C 275 -14.40 1.24 -15.52
C ASP C 275 -14.51 1.29 -15.54
N ASP C 276 -15.02 0.34 -14.75
CA ASP C 276 -15.31 0.57 -13.34
C ASP C 276 -14.04 0.35 -12.50
N TRP C 277 -13.46 1.44 -12.01
CA TRP C 277 -12.24 1.37 -11.20
C TRP C 277 -12.64 1.60 -9.75
N LEU C 278 -13.89 1.28 -9.49
CA LEU C 278 -14.60 1.57 -8.27
C LEU C 278 -15.79 0.61 -8.30
N THR C 279 -16.15 0.05 -7.14
CA THR C 279 -17.26 -0.89 -7.05
C THR C 279 -18.59 -0.14 -6.91
N PRO C 280 -19.70 -0.73 -7.39
CA PRO C 280 -21.02 -0.08 -7.29
C PRO C 280 -21.42 0.39 -5.88
N TRP C 281 -20.95 -0.32 -4.85
CA TRP C 281 -21.31 0.00 -3.45
C TRP C 281 -20.40 1.09 -2.85
N HIS C 282 -19.41 1.56 -3.64
CA HIS C 282 -18.46 2.59 -3.21
C HIS C 282 -18.55 3.89 -4.00
N GLY C 283 -19.54 3.98 -4.89
CA GLY C 283 -19.76 5.18 -5.70
C GLY C 283 -21.20 5.34 -6.16
N VAL C 284 -21.39 6.26 -7.08
CA VAL C 284 -22.70 6.57 -7.66
C VAL C 284 -22.63 6.34 -9.16
N ALA C 285 -23.73 5.88 -9.75
CA ALA C 285 -23.81 5.78 -11.19
C ALA C 285 -23.97 7.17 -11.82
N VAL C 286 -23.32 7.39 -12.97
CA VAL C 286 -23.33 8.68 -13.65
C VAL C 286 -23.63 8.53 -15.14
N ASN C 287 -24.79 9.05 -15.56
CA ASN C 287 -25.17 9.12 -16.97
C ASN C 287 -24.49 10.31 -17.64
N THR C 288 -23.57 10.01 -18.56
CA THR C 288 -22.82 11.03 -19.29
C THR C 288 -22.44 10.51 -20.65
N GLU C 289 -22.61 11.36 -21.66
CA GLU C 289 -22.35 11.01 -23.07
C GLU C 289 -22.93 9.63 -23.43
N ASP C 290 -24.22 9.46 -23.13
CA ASP C 290 -25.00 8.28 -23.51
C ASP C 290 -24.49 6.93 -22.98
N ARG C 291 -23.90 6.95 -21.79
CA ARG C 291 -23.52 5.73 -21.07
C ARG C 291 -23.47 6.03 -19.57
N PHE C 292 -23.31 4.99 -18.77
CA PHE C 292 -23.12 5.16 -17.33
C PHE C 292 -21.68 4.85 -16.95
N VAL C 293 -21.14 5.67 -16.07
CA VAL C 293 -19.87 5.40 -15.41
C VAL C 293 -20.11 5.38 -13.90
N LEU C 294 -19.19 4.77 -13.15
CA LEU C 294 -19.19 4.90 -11.70
C LEU C 294 -18.20 5.99 -11.30
N MET C 295 -18.64 6.88 -10.42
CA MET C 295 -17.75 7.93 -9.88
C MET C 295 -18.03 8.17 -8.39
N LYS C 296 -17.07 8.79 -7.70
CA LYS C 296 -17.29 9.28 -6.33
C LYS C 296 -18.32 10.39 -6.40
N ARG C 297 -19.36 10.32 -5.56
CA ARG C 297 -20.48 11.28 -5.58
C ARG C 297 -20.02 12.76 -5.57
N SER C 298 -19.03 13.09 -4.66
CA SER C 298 -18.50 14.45 -4.50
C SER C 298 -17.82 14.93 -5.80
N GLU C 299 -17.18 14.02 -6.57
CA GLU C 299 -16.48 14.37 -7.80
C GLU C 299 -17.46 14.60 -8.94
N VAL C 300 -18.62 13.93 -8.86
CA VAL C 300 -19.73 14.17 -9.79
C VAL C 300 -20.26 15.59 -9.61
N LEU C 301 -20.54 15.92 -8.34
CA LEU C 301 -21.09 17.22 -7.95
C LEU C 301 -20.22 18.40 -8.39
N GLU C 302 -18.91 18.28 -8.14
CA GLU C 302 -17.91 19.31 -8.50
C GLU C 302 -17.76 19.48 -10.01
N LEU C 303 -18.17 18.47 -10.79
CA LEU C 303 -18.20 18.60 -12.25
C LEU C 303 -19.55 19.13 -12.72
N GLY C 304 -20.43 19.42 -11.76
CA GLY C 304 -21.76 19.95 -12.06
C GLY C 304 -22.75 18.89 -12.51
N GLY C 305 -22.72 17.73 -11.85
CA GLY C 305 -23.67 16.66 -12.12
C GLY C 305 -25.02 16.95 -11.49
N GLU C 306 -26.08 16.44 -12.12
CA GLU C 306 -27.45 16.72 -11.69
C GLU C 306 -28.14 15.45 -11.19
N LEU C 307 -28.62 15.52 -9.95
CA LEU C 307 -29.26 14.37 -9.31
C LEU C 307 -30.52 13.96 -10.05
N VAL C 308 -30.55 12.70 -10.48
CA VAL C 308 -31.74 12.13 -11.10
C VAL C 308 -32.52 11.32 -10.07
N GLN C 309 -33.81 11.58 -9.98
CA GLN C 309 -34.65 10.81 -9.13
C GLN C 309 -35.33 9.80 -9.99
N ILE C 310 -35.56 8.63 -9.46
CA ILE C 310 -36.40 7.64 -10.11
C ILE C 310 -37.45 7.14 -9.12
N ASN C 311 -38.71 7.30 -9.52
CA ASN C 311 -39.89 7.18 -8.66
C ASN C 311 -40.05 7.49 -7.17
N GLY C 312 -39.53 8.67 -6.77
CA GLY C 312 -39.45 9.05 -5.36
C GLY C 312 -38.10 8.93 -4.65
N GLN C 313 -37.18 8.16 -5.21
CA GLN C 313 -35.89 7.90 -4.58
C GLN C 313 -34.72 8.44 -5.41
N PRO C 314 -33.69 9.00 -4.74
CA PRO C 314 -32.45 9.38 -5.42
C PRO C 314 -31.74 8.16 -6.02
N SER C 315 -31.32 8.28 -7.27
CA SER C 315 -30.95 7.11 -8.07
C SER C 315 -29.55 7.22 -8.63
N HIS C 316 -29.28 8.33 -9.31
CA HIS C 316 -27.99 8.53 -9.97
C HIS C 316 -27.81 9.99 -10.37
N TYR C 317 -26.70 10.27 -11.06
CA TYR C 317 -26.44 11.61 -11.59
C TYR C 317 -26.38 11.60 -13.11
N ARG C 318 -26.69 12.74 -13.71
CA ARG C 318 -26.47 12.98 -15.13
C ARG C 318 -25.46 14.11 -15.29
N LEU C 319 -24.49 13.93 -16.19
CA LEU C 319 -23.58 15.01 -16.55
C LEU C 319 -23.98 15.65 -17.87
N PRO C 320 -23.96 16.98 -17.89
CA PRO C 320 -24.40 17.77 -19.04
C PRO C 320 -23.45 17.66 -20.21
N GLU D 8 -15.56 -14.93 -41.55
CA GLU D 8 -14.24 -14.23 -41.54
C GLU D 8 -14.14 -13.28 -40.35
N ASP D 9 -12.92 -13.04 -39.89
CA ASP D 9 -12.70 -12.28 -38.66
C ASP D 9 -12.67 -10.76 -38.91
N THR D 10 -13.85 -10.19 -39.13
CA THR D 10 -14.02 -8.74 -39.24
C THR D 10 -15.02 -8.22 -38.23
N LEU D 11 -15.02 -6.91 -38.02
CA LEU D 11 -15.95 -6.28 -37.09
C LEU D 11 -17.41 -6.37 -37.54
N PRO D 12 -17.69 -6.13 -38.84
CA PRO D 12 -19.09 -6.29 -39.28
C PRO D 12 -19.63 -7.72 -39.13
N ALA D 13 -18.77 -8.71 -39.37
CA ALA D 13 -19.12 -10.11 -39.22
C ALA D 13 -19.39 -10.44 -37.75
N ARG D 14 -18.63 -9.80 -36.87
CA ARG D 14 -18.78 -9.98 -35.42
C ARG D 14 -20.12 -9.41 -34.94
N VAL D 15 -20.44 -8.18 -35.36
CA VAL D 15 -21.77 -7.60 -35.13
C VAL D 15 -22.89 -8.54 -35.61
N LEU D 16 -22.83 -8.94 -36.88
CA LEU D 16 -23.85 -9.83 -37.45
C LEU D 16 -24.00 -11.17 -36.71
N LYS D 17 -22.88 -11.78 -36.32
CA LYS D 17 -22.92 -13.02 -35.54
C LYS D 17 -23.66 -12.87 -34.20
N GLU D 18 -23.52 -11.70 -33.57
CA GLU D 18 -24.29 -11.33 -32.37
C GLU D 18 -25.79 -11.30 -32.66
N LEU D 19 -26.15 -10.77 -33.82
CA LEU D 19 -27.55 -10.65 -34.21
C LEU D 19 -28.16 -11.99 -34.54
N LEU D 20 -27.40 -12.84 -35.25
CA LEU D 20 -27.90 -14.13 -35.72
C LEU D 20 -28.31 -15.11 -34.60
N LEU D 21 -27.69 -14.97 -33.43
CA LEU D 21 -28.03 -15.77 -32.26
C LEU D 21 -29.49 -15.55 -31.83
N TYR D 22 -30.09 -14.44 -32.28
CA TYR D 22 -31.44 -14.08 -31.84
C TYR D 22 -32.44 -13.94 -32.97
N ARG D 23 -32.10 -14.49 -34.14
CA ARG D 23 -32.92 -14.29 -35.32
C ARG D 23 -34.26 -15.01 -35.21
N ARG D 24 -35.35 -14.27 -35.46
CA ARG D 24 -36.68 -14.87 -35.65
C ARG D 24 -36.75 -15.58 -36.98
N ARG D 25 -37.17 -16.84 -36.91
CA ARG D 25 -37.38 -17.66 -38.09
C ARG D 25 -38.87 -17.95 -38.25
N TYR D 26 -39.31 -18.22 -39.48
CA TYR D 26 -40.66 -18.75 -39.72
C TYR D 26 -40.75 -20.14 -39.09
N PRO D 27 -41.78 -20.36 -38.25
CA PRO D 27 -41.98 -21.70 -37.65
C PRO D 27 -41.92 -22.78 -38.72
N GLU D 28 -42.53 -22.50 -39.87
CA GLU D 28 -42.63 -23.43 -41.01
C GLU D 28 -41.28 -23.88 -41.56
N HIS D 29 -40.25 -23.06 -41.38
CA HIS D 29 -38.93 -23.33 -41.96
C HIS D 29 -37.95 -23.98 -40.97
N ARG D 30 -38.38 -24.18 -39.73
CA ARG D 30 -37.50 -24.70 -38.68
C ARG D 30 -37.30 -26.21 -38.76
N GLN D 31 -38.34 -26.93 -39.17
CA GLN D 31 -38.33 -28.40 -39.20
C GLN D 31 -37.27 -29.00 -40.12
N SER D 32 -37.14 -28.45 -41.32
CA SER D 32 -36.31 -29.05 -42.37
C SER D 32 -35.70 -28.11 -43.40
N ALA D 33 -36.09 -26.83 -43.39
CA ALA D 33 -35.51 -25.86 -44.32
C ALA D 33 -34.10 -25.44 -43.90
N SER D 34 -33.18 -25.47 -44.86
CA SER D 34 -31.76 -25.15 -44.66
C SER D 34 -31.53 -23.77 -44.04
N GLU D 35 -30.94 -23.74 -42.85
CA GLU D 35 -30.59 -22.48 -42.21
C GLU D 35 -29.35 -21.84 -42.86
N ALA D 36 -28.45 -22.67 -43.37
CA ALA D 36 -27.15 -22.24 -43.89
C ALA D 36 -27.20 -21.37 -45.16
N ASP D 37 -28.17 -21.62 -46.04
CA ASP D 37 -28.33 -20.82 -47.25
C ASP D 37 -28.96 -19.47 -46.89
N GLU D 38 -29.84 -19.51 -45.88
CA GLU D 38 -30.40 -18.30 -45.28
C GLU D 38 -29.30 -17.38 -44.75
N ILE D 39 -28.39 -17.95 -43.95
CA ILE D 39 -27.26 -17.21 -43.37
C ILE D 39 -26.37 -16.53 -44.43
N ARG D 40 -26.07 -17.25 -45.52
CA ARG D 40 -25.29 -16.69 -46.63
C ARG D 40 -25.98 -15.50 -47.31
N ARG D 41 -27.30 -15.60 -47.48
CA ARG D 41 -28.13 -14.49 -47.99
C ARG D 41 -28.23 -13.31 -47.03
N ILE D 42 -28.27 -13.60 -45.73
CA ILE D 42 -28.31 -12.55 -44.71
C ILE D 42 -26.96 -11.80 -44.63
N GLU D 43 -25.87 -12.55 -44.70
CA GLU D 43 -24.54 -11.97 -44.83
C GLU D 43 -24.46 -10.97 -46.00
N GLN D 44 -24.99 -11.36 -47.15
CA GLN D 44 -24.92 -10.55 -48.36
C GLN D 44 -25.67 -9.21 -48.22
N VAL D 45 -26.85 -9.26 -47.61
CA VAL D 45 -27.64 -8.07 -47.36
C VAL D 45 -27.07 -7.19 -46.22
N GLN D 46 -26.77 -7.82 -45.09
CA GLN D 46 -26.57 -7.07 -43.85
C GLN D 46 -25.14 -6.56 -43.63
N LEU D 47 -24.14 -7.31 -44.08
CA LEU D 47 -22.75 -6.98 -43.79
C LEU D 47 -22.33 -5.61 -44.35
N PRO D 48 -22.65 -5.32 -45.65
CA PRO D 48 -22.35 -3.98 -46.18
C PRO D 48 -23.03 -2.85 -45.41
N ARG D 49 -24.22 -3.11 -44.87
CA ARG D 49 -24.97 -2.10 -44.16
C ARG D 49 -24.33 -1.81 -42.79
N ILE D 50 -23.89 -2.88 -42.13
CA ILE D 50 -23.16 -2.77 -40.87
C ILE D 50 -21.83 -2.06 -41.09
N ALA D 51 -21.13 -2.47 -42.14
CA ALA D 51 -19.80 -1.98 -42.49
C ALA D 51 -19.76 -0.47 -42.73
N ALA D 52 -20.79 0.06 -43.39
CA ALA D 52 -20.88 1.51 -43.68
C ALA D 52 -20.67 2.38 -42.44
N PHE D 53 -21.24 1.96 -41.31
CA PHE D 53 -21.10 2.65 -40.02
C PHE D 53 -19.70 2.50 -39.44
N ILE D 54 -19.18 1.27 -39.46
CA ILE D 54 -17.85 0.96 -38.94
C ILE D 54 -16.77 1.70 -39.72
N GLU D 55 -16.85 1.67 -41.04
CA GLU D 55 -15.89 2.34 -41.89
C GLU D 55 -15.84 3.86 -41.64
N ALA D 56 -16.97 4.41 -41.20
CA ALA D 56 -17.11 5.84 -40.93
C ALA D 56 -16.71 6.18 -39.51
N GLY D 57 -16.55 5.15 -38.67
CA GLY D 57 -16.26 5.36 -37.26
C GLY D 57 -17.48 5.84 -36.49
N GLU D 58 -18.66 5.57 -37.02
CA GLU D 58 -19.92 6.01 -36.42
C GLU D 58 -20.53 4.91 -35.54
N PRO D 59 -21.35 5.29 -34.55
CA PRO D 59 -22.18 4.26 -33.90
C PRO D 59 -23.04 3.53 -34.93
N ILE D 60 -23.17 2.22 -34.81
CA ILE D 60 -24.05 1.44 -35.67
C ILE D 60 -25.49 1.70 -35.23
N GLU D 61 -26.32 2.22 -36.13
CA GLU D 61 -27.71 2.58 -35.84
CA GLU D 61 -27.69 2.53 -35.77
C GLU D 61 -28.65 1.45 -36.25
N PHE D 62 -29.61 1.11 -35.41
CA PHE D 62 -30.66 0.17 -35.74
C PHE D 62 -31.97 0.87 -35.54
N VAL D 63 -32.94 0.51 -36.37
CA VAL D 63 -34.33 0.91 -36.16
C VAL D 63 -35.17 -0.34 -35.94
N LEU D 64 -36.12 -0.26 -35.02
CA LEU D 64 -36.97 -1.40 -34.69
C LEU D 64 -38.42 -0.94 -34.52
N PRO D 65 -39.30 -1.21 -35.52
CA PRO D 65 -40.73 -0.94 -35.28
C PRO D 65 -41.30 -1.98 -34.33
N ALA D 66 -41.80 -1.52 -33.18
CA ALA D 66 -42.13 -2.38 -32.03
C ALA D 66 -42.74 -1.56 -30.90
N PHE D 67 -43.27 -2.26 -29.90
CA PHE D 67 -43.78 -1.66 -28.66
C PHE D 67 -44.90 -0.63 -28.94
N PRO D 68 -45.96 -1.03 -29.67
CA PRO D 68 -47.01 -0.05 -29.96
C PRO D 68 -47.93 0.22 -28.76
N ALA D 69 -48.40 -0.85 -28.13
CA ALA D 69 -49.37 -0.77 -27.05
C ALA D 69 -49.66 -2.19 -26.68
N LYS D 70 -50.13 -2.39 -25.46
CA LYS D 70 -50.56 -3.70 -25.02
C LYS D 70 -51.79 -4.09 -25.84
N SER D 71 -51.92 -5.39 -26.12
CA SER D 71 -53.16 -5.97 -26.63
C SER D 71 -54.35 -5.48 -25.81
N PRO D 72 -55.49 -5.18 -26.48
CA PRO D 72 -56.66 -4.73 -25.73
C PRO D 72 -57.40 -5.88 -25.03
N ASN D 73 -56.97 -7.11 -25.27
CA ASN D 73 -57.60 -8.29 -24.69
C ASN D 73 -57.14 -8.56 -23.25
N PRO D 74 -58.05 -8.39 -22.26
CA PRO D 74 -57.81 -8.67 -20.85
C PRO D 74 -57.24 -10.07 -20.59
N GLY D 75 -57.59 -11.03 -21.44
CA GLY D 75 -57.13 -12.40 -21.25
C GLY D 75 -55.80 -12.71 -21.89
N LYS D 76 -55.21 -11.71 -22.55
CA LYS D 76 -53.91 -11.90 -23.20
C LYS D 76 -52.77 -11.30 -22.40
N VAL D 77 -53.06 -10.23 -21.66
CA VAL D 77 -52.04 -9.43 -20.99
C VAL D 77 -52.52 -9.06 -19.58
N LEU D 78 -51.62 -8.57 -18.74
CA LEU D 78 -51.94 -8.31 -17.33
C LEU D 78 -52.69 -6.99 -17.12
N ASP D 79 -52.40 -6.02 -17.98
CA ASP D 79 -52.92 -4.67 -17.87
C ASP D 79 -52.43 -3.96 -19.11
N SER D 80 -52.93 -2.75 -19.35
CA SER D 80 -52.51 -1.90 -20.48
C SER D 80 -51.11 -1.28 -20.34
N ARG D 81 -50.52 -1.30 -19.15
CA ARG D 81 -49.16 -0.76 -18.99
C ARG D 81 -48.08 -1.79 -19.37
N PRO D 82 -46.91 -1.30 -19.84
CA PRO D 82 -45.77 -2.20 -20.02
C PRO D 82 -45.43 -2.87 -18.69
N ASP D 83 -45.03 -4.15 -18.72
CA ASP D 83 -44.65 -4.85 -17.49
C ASP D 83 -43.27 -5.52 -17.59
N MET D 84 -43.06 -6.60 -16.83
CA MET D 84 -41.81 -7.35 -16.86
C MET D 84 -41.43 -7.86 -18.27
N ALA D 85 -42.43 -8.21 -19.09
CA ALA D 85 -42.20 -8.59 -20.48
C ALA D 85 -41.47 -7.48 -21.26
N GLU D 86 -41.97 -6.25 -21.18
CA GLU D 86 -41.31 -5.11 -21.83
C GLU D 86 -39.97 -4.79 -21.19
N ARG D 87 -39.90 -4.89 -19.86
CA ARG D 87 -38.69 -4.50 -19.10
C ARG D 87 -37.50 -5.37 -19.51
N LEU D 88 -37.71 -6.69 -19.52
CA LEU D 88 -36.68 -7.65 -19.93
C LEU D 88 -36.29 -7.53 -21.41
N SER D 89 -37.26 -7.24 -22.28
CA SER D 89 -37.01 -7.05 -23.71
C SER D 89 -36.15 -5.82 -24.00
N LEU D 90 -36.46 -4.72 -23.33
CA LEU D 90 -35.75 -3.47 -23.49
C LEU D 90 -34.34 -3.58 -22.90
N SER D 91 -34.23 -4.28 -21.77
CA SER D 91 -32.95 -4.47 -21.13
C SER D 91 -32.07 -5.35 -22.00
N PHE D 92 -32.66 -6.39 -22.61
CA PHE D 92 -31.93 -7.22 -23.57
C PHE D 92 -31.37 -6.40 -24.74
N LEU D 93 -32.19 -5.52 -25.30
CA LEU D 93 -31.82 -4.76 -26.50
C LEU D 93 -30.69 -3.82 -26.20
N ASN D 94 -30.73 -3.27 -24.99
CA ASN D 94 -29.65 -2.44 -24.47
C ASN D 94 -28.36 -3.21 -24.21
N HIS D 95 -28.48 -4.41 -23.66
CA HIS D 95 -27.30 -5.25 -23.44
C HIS D 95 -26.62 -5.66 -24.76
N LEU D 96 -27.41 -5.89 -25.80
CA LEU D 96 -26.90 -6.17 -27.14
C LEU D 96 -26.03 -5.03 -27.67
N CYS D 97 -26.45 -3.78 -27.42
CA CYS D 97 -25.66 -2.61 -27.82
C CYS D 97 -24.37 -2.48 -27.03
N GLN D 98 -24.40 -2.91 -25.77
CA GLN D 98 -23.21 -2.94 -24.91
C GLN D 98 -22.23 -4.02 -25.37
N ARG D 99 -22.76 -5.19 -25.77
CA ARG D 99 -21.97 -6.28 -26.32
C ARG D 99 -21.17 -5.85 -27.54
N ILE D 100 -21.84 -5.11 -28.44
CA ILE D 100 -21.21 -4.57 -29.65
C ILE D 100 -20.12 -3.56 -29.30
N GLN D 101 -20.39 -2.72 -28.30
CA GLN D 101 -19.43 -1.69 -27.90
C GLN D 101 -18.14 -2.28 -27.31
N LEU D 102 -18.22 -3.52 -26.82
CA LEU D 102 -17.02 -4.24 -26.33
C LEU D 102 -15.94 -4.36 -27.41
N PHE D 103 -16.35 -4.73 -28.63
CA PHE D 103 -15.37 -4.89 -29.71
C PHE D 103 -15.33 -3.72 -30.70
N TYR D 104 -16.31 -2.83 -30.62
CA TYR D 104 -16.37 -1.66 -31.51
C TYR D 104 -16.72 -0.40 -30.71
N ALA D 105 -15.69 0.33 -30.32
CA ALA D 105 -15.79 1.44 -29.35
C ALA D 105 -16.93 2.44 -29.54
N PRO D 106 -17.17 2.95 -30.78
CA PRO D 106 -18.28 3.88 -30.96
C PRO D 106 -19.62 3.26 -30.59
N GLY D 107 -19.72 1.94 -30.70
CA GLY D 107 -20.91 1.20 -30.26
C GLY D 107 -22.10 1.15 -31.20
N ALA D 108 -23.28 1.11 -30.61
CA ALA D 108 -24.53 0.89 -31.33
C ALA D 108 -25.70 1.55 -30.61
N LYS D 109 -26.73 1.88 -31.39
CA LYS D 109 -27.98 2.47 -30.88
C LYS D 109 -29.19 1.76 -31.52
N ILE D 110 -30.20 1.45 -30.71
CA ILE D 110 -31.46 0.94 -31.24
C ILE D 110 -32.56 1.98 -30.99
N THR D 111 -33.16 2.48 -32.07
CA THR D 111 -34.29 3.38 -31.97
C THR D 111 -35.55 2.55 -32.15
N VAL D 112 -36.32 2.44 -31.07
CA VAL D 112 -37.62 1.77 -31.10
C VAL D 112 -38.55 2.75 -31.81
N CYS D 113 -38.99 2.36 -32.99
CA CYS D 113 -39.87 3.18 -33.79
C CYS D 113 -41.29 2.69 -33.58
N SER D 114 -41.91 3.18 -32.51
CA SER D 114 -43.21 2.73 -32.09
C SER D 114 -44.24 2.89 -33.20
N ASP D 115 -44.97 1.82 -33.46
CA ASP D 115 -46.06 1.84 -34.45
C ASP D 115 -47.43 1.98 -33.78
N GLY D 116 -47.44 2.46 -32.54
CA GLY D 116 -48.68 2.63 -31.77
C GLY D 116 -49.72 3.54 -32.38
N ARG D 117 -49.28 4.71 -32.86
CA ARG D 117 -50.15 5.72 -33.47
C ARG D 117 -50.62 5.37 -34.85
N VAL D 118 -49.96 4.39 -35.45
CA VAL D 118 -50.04 4.12 -36.89
C VAL D 118 -51.35 3.41 -37.26
N PHE D 119 -51.86 2.56 -36.37
CA PHE D 119 -53.01 1.72 -36.70
C PHE D 119 -54.39 2.36 -36.58
N GLY D 120 -54.61 3.12 -35.50
CA GLY D 120 -55.90 3.77 -35.27
C GLY D 120 -56.95 2.76 -34.90
N ASP D 121 -58.14 2.90 -35.48
CA ASP D 121 -59.25 2.00 -35.19
C ASP D 121 -59.03 0.55 -35.64
N LEU D 122 -58.00 0.30 -36.45
CA LEU D 122 -57.74 -1.04 -36.99
C LEU D 122 -57.42 -2.07 -35.92
N VAL D 123 -56.75 -1.61 -34.86
CA VAL D 123 -56.34 -2.48 -33.77
C VAL D 123 -57.18 -2.21 -32.51
N ARG D 124 -57.97 -1.14 -32.54
CA ARG D 124 -58.94 -0.84 -31.48
C ARG D 124 -58.33 -0.54 -30.10
N ILE D 125 -57.26 0.22 -30.12
CA ILE D 125 -56.65 0.76 -28.90
C ILE D 125 -56.75 2.27 -29.06
N GLY D 126 -57.41 2.92 -28.10
CA GLY D 126 -57.66 4.36 -28.18
C GLY D 126 -56.39 5.17 -28.07
N ASP D 127 -56.42 6.39 -28.60
CA ASP D 127 -55.25 7.26 -28.63
C ASP D 127 -54.72 7.63 -27.24
N ALA D 128 -55.62 7.78 -26.28
CA ALA D 128 -55.25 7.98 -24.88
C ALA D 128 -54.39 6.82 -24.37
N HIS D 129 -54.76 5.60 -24.74
CA HIS D 129 -54.02 4.40 -24.32
C HIS D 129 -52.62 4.30 -24.94
N ILE D 130 -52.50 4.65 -26.21
CA ILE D 130 -51.19 4.65 -26.89
C ILE D 130 -50.26 5.67 -26.25
N SER D 131 -50.78 6.85 -25.97
CA SER D 131 -49.98 7.90 -25.33
C SER D 131 -49.50 7.47 -23.95
N ALA D 132 -50.38 6.81 -23.20
CA ALA D 132 -50.06 6.31 -21.86
C ALA D 132 -49.00 5.20 -21.92
N TYR D 133 -49.13 4.33 -22.91
CA TYR D 133 -48.15 3.27 -23.14
C TYR D 133 -46.79 3.84 -23.52
N GLN D 134 -46.79 4.79 -24.46
N GLN D 134 -46.76 4.81 -24.43
CA GLN D 134 -45.58 5.53 -24.86
CA GLN D 134 -45.50 5.45 -24.83
C GLN D 134 -44.90 6.13 -23.66
C GLN D 134 -44.85 6.24 -23.70
N ASP D 135 -45.67 6.87 -22.86
CA ASP D 135 -45.14 7.57 -21.69
C ASP D 135 -44.53 6.58 -20.71
N ALA D 136 -45.25 5.49 -20.44
CA ALA D 136 -44.78 4.46 -19.51
C ALA D 136 -43.57 3.70 -20.04
N LEU D 137 -43.48 3.58 -21.36
CA LEU D 137 -42.35 2.91 -21.99
C LEU D 137 -41.05 3.71 -21.85
N ARG D 138 -41.13 5.03 -22.05
CA ARG D 138 -39.98 5.93 -21.86
C ARG D 138 -39.49 5.91 -20.42
N LEU D 139 -40.42 6.03 -19.49
CA LEU D 139 -40.12 5.88 -18.07
C LEU D 139 -39.38 4.56 -17.74
N MET D 140 -39.78 3.49 -18.41
CA MET D 140 -39.19 2.17 -18.18
C MET D 140 -37.76 2.10 -18.68
N ILE D 141 -37.50 2.75 -19.81
CA ILE D 141 -36.15 2.87 -20.36
C ILE D 141 -35.20 3.62 -19.41
N GLU D 142 -35.69 4.74 -18.87
CA GLU D 142 -35.03 5.49 -17.82
C GLU D 142 -34.69 4.63 -16.60
N GLU D 143 -35.66 3.86 -16.14
CA GLU D 143 -35.50 3.16 -14.87
C GLU D 143 -34.67 1.89 -14.94
N ILE D 144 -34.48 1.34 -16.14
CA ILE D 144 -33.57 0.21 -16.27
C ILE D 144 -32.14 0.69 -16.54
N GLY D 145 -32.01 1.96 -16.90
CA GLY D 145 -30.72 2.62 -17.09
C GLY D 145 -30.20 2.34 -18.49
N ALA D 146 -31.13 2.19 -19.43
CA ALA D 146 -30.81 1.86 -20.79
C ALA D 146 -30.50 3.15 -21.55
N THR D 147 -29.24 3.35 -21.90
CA THR D 147 -28.85 4.58 -22.58
C THR D 147 -28.69 4.41 -24.09
N HIS D 148 -28.77 3.17 -24.58
CA HIS D 148 -28.56 2.93 -26.01
C HIS D 148 -29.87 2.79 -26.80
N ILE D 149 -30.99 3.01 -26.11
CA ILE D 149 -32.32 2.78 -26.67
C ILE D 149 -33.06 4.11 -26.79
N GLY D 150 -33.36 4.50 -28.02
CA GLY D 150 -34.16 5.68 -28.30
C GLY D 150 -35.59 5.27 -28.66
N VAL D 151 -36.50 6.24 -28.65
CA VAL D 151 -37.88 6.00 -29.05
C VAL D 151 -38.24 7.05 -30.10
N PHE D 152 -38.95 6.61 -31.14
CA PHE D 152 -39.37 7.50 -32.22
C PHE D 152 -40.82 7.17 -32.58
N ASN D 153 -41.71 8.14 -32.37
CA ASN D 153 -43.14 7.98 -32.62
C ASN D 153 -43.57 8.70 -33.90
N LEU D 154 -44.78 8.43 -34.39
CA LEU D 154 -45.30 9.12 -35.58
C LEU D 154 -45.39 10.64 -35.41
N GLU D 155 -45.78 11.07 -34.19
CA GLU D 155 -45.85 12.49 -33.83
C GLU D 155 -44.49 13.19 -33.84
N ASP D 156 -43.40 12.41 -33.87
CA ASP D 156 -42.04 12.96 -33.90
C ASP D 156 -41.59 13.27 -35.34
N VAL D 157 -42.38 12.86 -36.33
CA VAL D 157 -42.07 13.15 -37.73
C VAL D 157 -42.16 14.66 -37.98
N ARG D 158 -41.00 15.26 -38.21
CA ARG D 158 -40.85 16.70 -38.43
C ARG D 158 -41.75 17.26 -39.53
N ALA D 159 -41.88 16.54 -40.63
CA ALA D 159 -42.79 16.97 -41.71
C ALA D 159 -44.25 17.02 -41.28
N PHE D 160 -44.58 16.33 -40.19
CA PHE D 160 -45.96 16.25 -39.71
C PHE D 160 -46.16 17.10 -38.45
N GLU D 161 -45.18 17.96 -38.17
CA GLU D 161 -45.14 18.78 -36.93
C GLU D 161 -46.41 19.58 -36.68
N ALA D 162 -47.09 19.98 -37.75
CA ALA D 162 -48.29 20.79 -37.66
C ALA D 162 -49.44 20.02 -37.01
N GLN D 163 -49.59 18.76 -37.42
CA GLN D 163 -50.72 17.92 -37.04
C GLN D 163 -50.41 16.98 -35.87
N ARG D 164 -49.34 17.30 -35.14
CA ARG D 164 -48.78 16.48 -34.05
C ARG D 164 -49.81 15.90 -33.07
N ASP D 165 -50.89 16.64 -32.82
CA ASP D 165 -51.93 16.22 -31.89
C ASP D 165 -53.22 15.81 -32.58
N ASN D 166 -53.29 16.03 -33.88
CA ASN D 166 -54.38 15.49 -34.66
C ASN D 166 -54.00 14.06 -35.06
N HIS D 167 -54.13 13.16 -34.08
CA HIS D 167 -53.75 11.76 -34.26
C HIS D 167 -54.29 11.14 -35.53
N GLU D 168 -55.56 11.41 -35.84
CA GLU D 168 -56.19 10.85 -37.02
C GLU D 168 -55.64 11.46 -38.32
N GLN D 169 -55.36 12.76 -38.33
CA GLN D 169 -54.72 13.38 -39.49
C GLN D 169 -53.24 12.96 -39.63
N LEU D 170 -52.59 12.68 -38.49
CA LEU D 170 -51.27 12.06 -38.50
C LEU D 170 -51.29 10.75 -39.29
N ARG D 171 -52.26 9.90 -38.98
CA ARG D 171 -52.46 8.65 -39.70
C ARG D 171 -52.75 8.85 -41.20
N GLN D 172 -53.62 9.82 -41.53
CA GLN D 172 -53.92 10.19 -42.92
C GLN D 172 -52.70 10.73 -43.68
N LEU D 173 -51.88 11.54 -43.01
CA LEU D 173 -50.61 11.99 -43.56
C LEU D 173 -49.62 10.85 -43.84
N LEU D 174 -49.59 9.84 -42.96
CA LEU D 174 -48.78 8.63 -43.18
C LEU D 174 -49.31 7.82 -44.35
N ILE D 175 -50.64 7.66 -44.40
CA ILE D 175 -51.28 6.94 -45.50
C ILE D 175 -51.06 7.65 -46.85
N GLY D 176 -51.29 8.95 -46.88
CA GLY D 176 -51.15 9.72 -48.12
C GLY D 176 -49.72 9.72 -48.62
N GLY D 177 -48.77 9.96 -47.71
CA GLY D 177 -47.35 10.03 -48.06
C GLY D 177 -46.64 8.71 -48.33
N TYR D 178 -47.10 7.61 -47.72
CA TYR D 178 -46.30 6.38 -47.65
C TYR D 178 -47.04 5.04 -47.90
N ALA D 179 -48.38 5.05 -47.92
CA ALA D 179 -49.12 3.79 -48.03
C ALA D 179 -49.41 3.39 -49.47
N GLU D 180 -49.53 2.09 -49.70
CA GLU D 180 -50.08 1.58 -50.97
C GLU D 180 -51.58 1.33 -50.75
N PRO D 181 -52.39 1.37 -51.83
CA PRO D 181 -53.81 1.03 -51.68
C PRO D 181 -53.99 -0.41 -51.21
N LEU D 182 -55.08 -0.67 -50.50
CA LEU D 182 -55.35 -2.01 -49.95
C LEU D 182 -55.27 -3.10 -51.00
N GLU D 183 -55.78 -2.81 -52.20
CA GLU D 183 -55.70 -3.73 -53.34
C GLU D 183 -54.27 -4.13 -53.68
N SER D 184 -53.34 -3.18 -53.61
CA SER D 184 -51.92 -3.47 -53.89
C SER D 184 -51.23 -4.25 -52.73
N ILE D 185 -51.61 -3.94 -51.49
CA ILE D 185 -51.13 -4.69 -50.33
C ILE D 185 -51.47 -6.16 -50.49
N ARG D 186 -52.74 -6.41 -50.82
CA ARG D 186 -53.24 -7.75 -51.00
C ARG D 186 -52.49 -8.48 -52.12
N GLU D 187 -52.35 -7.82 -53.26
CA GLU D 187 -51.57 -8.38 -54.38
C GLU D 187 -50.13 -8.74 -53.98
N THR D 188 -49.45 -7.87 -53.24
CA THR D 188 -48.11 -8.17 -52.71
C THR D 188 -48.12 -9.39 -51.75
N LEU D 189 -49.09 -9.43 -50.85
CA LEU D 189 -49.16 -10.53 -49.89
C LEU D 189 -49.35 -11.87 -50.60
N LEU D 190 -50.20 -11.91 -51.63
CA LEU D 190 -50.45 -13.15 -52.36
C LEU D 190 -49.34 -13.51 -53.36
N ALA D 191 -48.34 -12.64 -53.48
CA ALA D 191 -47.20 -12.88 -54.37
C ALA D 191 -46.23 -13.95 -53.86
N SER D 192 -46.18 -14.15 -52.55
CA SER D 192 -45.19 -15.09 -52.01
C SER D 192 -45.67 -15.88 -50.79
N GLU D 193 -44.98 -17.00 -50.56
CA GLU D 193 -45.14 -17.82 -49.38
C GLU D 193 -45.06 -16.99 -48.09
N GLU D 194 -44.03 -16.14 -48.01
CA GLU D 194 -43.79 -15.32 -46.84
C GLU D 194 -44.81 -14.18 -46.68
N GLY D 195 -45.30 -13.68 -47.81
CA GLY D 195 -46.42 -12.75 -47.82
C GLY D 195 -47.63 -13.37 -47.13
N LEU D 196 -47.96 -14.60 -47.50
CA LEU D 196 -49.13 -15.29 -46.91
C LEU D 196 -48.95 -15.69 -45.44
N LEU D 197 -47.73 -16.06 -45.08
CA LEU D 197 -47.39 -16.40 -43.70
C LEU D 197 -47.59 -15.21 -42.77
N LEU D 198 -47.22 -14.03 -43.27
CA LEU D 198 -47.39 -12.80 -42.50
C LEU D 198 -48.87 -12.48 -42.37
N TYR D 199 -49.60 -12.44 -43.48
CA TYR D 199 -51.04 -12.21 -43.45
C TYR D 199 -51.73 -13.17 -42.47
N ARG D 200 -51.37 -14.45 -42.50
CA ARG D 200 -51.93 -15.42 -41.57
C ARG D 200 -51.64 -15.03 -40.11
N ALA D 201 -50.41 -14.58 -39.86
CA ALA D 201 -49.99 -14.26 -38.51
C ALA D 201 -50.70 -13.01 -38.00
N ILE D 202 -50.77 -11.99 -38.85
CA ILE D 202 -51.48 -10.75 -38.47
C ILE D 202 -52.98 -10.99 -38.19
N THR D 203 -53.64 -11.76 -39.06
CA THR D 203 -55.04 -12.15 -38.81
C THR D 203 -55.18 -12.81 -37.45
N ARG D 204 -54.25 -13.71 -37.13
CA ARG D 204 -54.23 -14.41 -35.84
C ARG D 204 -54.15 -13.46 -34.64
N PHE D 205 -53.26 -12.45 -34.68
CA PHE D 205 -53.18 -11.45 -33.61
C PHE D 205 -54.52 -10.76 -33.41
N LEU D 206 -55.07 -10.22 -34.48
CA LEU D 206 -56.33 -9.51 -34.45
C LEU D 206 -57.45 -10.43 -33.97
N TYR D 207 -57.43 -11.66 -34.43
CA TYR D 207 -58.46 -12.62 -34.03
C TYR D 207 -58.37 -12.91 -32.53
N GLU D 208 -57.15 -13.12 -32.04
CA GLU D 208 -56.92 -13.40 -30.63
C GLU D 208 -57.15 -12.16 -29.75
N ASP D 209 -56.84 -10.97 -30.27
CA ASP D 209 -57.19 -9.70 -29.63
C ASP D 209 -58.69 -9.55 -29.37
N GLY D 210 -59.51 -10.03 -30.30
CA GLY D 210 -60.98 -9.92 -30.19
C GLY D 210 -61.64 -11.04 -29.40
N LEU D 211 -60.91 -12.14 -29.24
CA LEU D 211 -61.44 -13.32 -28.55
C LEU D 211 -61.27 -13.17 -27.04
N THR D 212 -61.94 -12.16 -26.49
CA THR D 212 -61.91 -11.85 -25.07
C THR D 212 -62.61 -12.95 -24.27
N PRO D 213 -62.29 -13.08 -22.97
CA PRO D 213 -63.08 -13.95 -22.09
C PRO D 213 -64.56 -13.51 -22.02
N ASP D 214 -64.84 -12.24 -22.32
CA ASP D 214 -66.20 -11.71 -22.33
C ASP D 214 -66.90 -11.84 -23.70
N TYR D 215 -66.18 -12.35 -24.70
CA TYR D 215 -66.75 -12.56 -26.04
C TYR D 215 -67.73 -13.74 -26.05
N GLN D 216 -68.97 -13.45 -26.42
CA GLN D 216 -70.00 -14.47 -26.52
C GLN D 216 -70.49 -14.59 -27.97
N GLY D 217 -69.92 -13.77 -28.85
CA GLY D 217 -70.33 -13.71 -30.26
C GLY D 217 -69.78 -14.81 -31.15
N SER D 218 -70.04 -14.69 -32.45
CA SER D 218 -69.58 -15.65 -33.44
C SER D 218 -68.05 -15.65 -33.64
N LYS D 219 -67.44 -16.83 -33.53
CA LYS D 219 -66.02 -16.98 -33.80
C LYS D 219 -65.72 -16.80 -35.28
N THR D 220 -66.54 -17.38 -36.15
CA THR D 220 -66.31 -17.26 -37.60
C THR D 220 -66.41 -15.81 -38.07
N ALA D 221 -67.35 -15.05 -37.49
CA ALA D 221 -67.49 -13.63 -37.81
C ALA D 221 -66.28 -12.84 -37.31
N LEU D 222 -65.74 -13.24 -36.15
CA LEU D 222 -64.52 -12.61 -35.66
C LEU D 222 -63.33 -12.88 -36.61
N GLN D 223 -63.26 -14.09 -37.16
CA GLN D 223 -62.19 -14.43 -38.10
C GLN D 223 -62.25 -13.59 -39.37
N ARG D 224 -63.46 -13.39 -39.88
CA ARG D 224 -63.68 -12.64 -41.12
C ARG D 224 -63.31 -11.18 -40.90
N ASP D 225 -63.73 -10.64 -39.75
CA ASP D 225 -63.37 -9.28 -39.36
C ASP D 225 -61.85 -9.10 -39.29
N ALA D 226 -61.19 -10.05 -38.62
CA ALA D 226 -59.74 -10.06 -38.47
C ALA D 226 -59.03 -10.05 -39.81
N LYS D 227 -59.47 -10.92 -40.71
CA LYS D 227 -58.97 -11.03 -42.09
C LYS D 227 -59.03 -9.73 -42.86
N GLU D 228 -60.18 -9.06 -42.79
CA GLU D 228 -60.37 -7.76 -43.43
C GLU D 228 -59.40 -6.71 -42.85
N ARG D 229 -59.32 -6.62 -41.52
CA ARG D 229 -58.47 -5.62 -40.88
C ARG D 229 -56.97 -5.90 -40.99
N ALA D 230 -56.59 -7.16 -41.19
CA ALA D 230 -55.17 -7.53 -41.34
C ALA D 230 -54.50 -6.82 -42.51
N TYR D 231 -55.24 -6.65 -43.60
CA TYR D 231 -54.79 -5.86 -44.76
C TYR D 231 -54.42 -4.42 -44.38
N GLY D 232 -55.28 -3.75 -43.62
CA GLY D 232 -55.01 -2.38 -43.16
C GLY D 232 -53.86 -2.32 -42.18
N VAL D 233 -53.82 -3.26 -41.24
CA VAL D 233 -52.68 -3.33 -40.31
C VAL D 233 -51.34 -3.45 -41.07
N ILE D 234 -51.27 -4.36 -42.05
CA ILE D 234 -50.05 -4.55 -42.86
C ILE D 234 -49.73 -3.30 -43.71
N GLN D 235 -50.75 -2.73 -44.35
CA GLN D 235 -50.64 -1.46 -45.07
C GLN D 235 -49.92 -0.41 -44.22
N ARG D 236 -50.40 -0.22 -42.98
CA ARG D 236 -49.86 0.77 -42.09
C ARG D 236 -48.48 0.41 -41.58
N SER D 237 -48.22 -0.88 -41.41
CA SER D 237 -46.90 -1.31 -40.96
C SER D 237 -45.86 -1.01 -42.03
N TRP D 238 -46.21 -1.34 -43.27
CA TRP D 238 -45.32 -1.12 -44.39
C TRP D 238 -45.14 0.36 -44.70
N ALA D 239 -46.20 1.15 -44.52
CA ALA D 239 -46.13 2.60 -44.67
C ALA D 239 -45.18 3.22 -43.65
N TRP D 240 -45.37 2.88 -42.35
CA TRP D 240 -44.45 3.25 -41.27
C TRP D 240 -42.99 2.86 -41.63
N GLY D 241 -42.82 1.62 -42.10
CA GLY D 241 -41.53 1.13 -42.59
C GLY D 241 -40.93 1.94 -43.72
N ALA D 242 -41.77 2.26 -44.71
CA ALA D 242 -41.37 3.12 -45.82
C ALA D 242 -40.94 4.53 -45.34
N LEU D 243 -41.67 5.11 -44.41
CA LEU D 243 -41.30 6.41 -43.86
C LEU D 243 -39.94 6.35 -43.14
N LEU D 244 -39.77 5.35 -42.27
CA LEU D 244 -38.51 5.17 -41.52
C LEU D 244 -37.31 5.00 -42.43
N ALA D 245 -37.53 4.36 -43.59
CA ALA D 245 -36.50 4.17 -44.60
C ALA D 245 -35.96 5.53 -45.09
N ASP D 246 -36.80 6.56 -45.14
CA ASP D 246 -36.41 7.91 -45.53
C ASP D 246 -35.89 8.72 -44.34
N GLN D 247 -36.48 8.47 -43.17
CA GLN D 247 -36.07 9.14 -41.94
C GLN D 247 -34.68 8.66 -41.51
N PHE D 248 -34.44 7.35 -41.67
CA PHE D 248 -33.20 6.70 -41.25
C PHE D 248 -32.68 5.75 -42.33
N PRO D 249 -32.08 6.29 -43.41
CA PRO D 249 -31.75 5.48 -44.60
C PRO D 249 -30.73 4.35 -44.38
N ARG D 250 -29.74 4.58 -43.52
CA ARG D 250 -28.63 3.63 -43.34
C ARG D 250 -28.85 2.64 -42.20
N ALA D 251 -29.85 2.90 -41.35
CA ALA D 251 -30.07 2.07 -40.17
C ALA D 251 -30.30 0.61 -40.53
N ILE D 252 -29.71 -0.29 -39.75
CA ILE D 252 -30.02 -1.70 -39.85
C ILE D 252 -31.48 -1.86 -39.43
N ARG D 253 -32.25 -2.50 -40.29
CA ARG D 253 -33.68 -2.66 -40.13
C ARG D 253 -34.01 -3.91 -39.31
N LEU D 254 -34.25 -3.75 -38.00
CA LEU D 254 -34.68 -4.88 -37.18
C LEU D 254 -36.18 -4.99 -37.28
N SER D 255 -36.72 -6.11 -36.82
CA SER D 255 -38.16 -6.35 -36.91
C SER D 255 -38.57 -7.34 -35.82
N ILE D 256 -39.85 -7.32 -35.46
CA ILE D 256 -40.37 -8.30 -34.52
C ILE D 256 -41.18 -9.41 -35.21
N HIS D 257 -41.11 -9.43 -36.56
CA HIS D 257 -41.58 -10.56 -37.36
C HIS D 257 -40.42 -11.35 -37.95
N PRO D 258 -40.59 -12.66 -38.12
CA PRO D 258 -39.69 -13.41 -38.99
C PRO D 258 -39.69 -12.79 -40.38
N GLN D 259 -38.55 -12.87 -41.07
CA GLN D 259 -38.35 -12.20 -42.36
C GLN D 259 -37.61 -13.14 -43.33
N PRO D 260 -37.83 -12.96 -44.64
CA PRO D 260 -37.05 -13.76 -45.59
C PRO D 260 -35.57 -13.39 -45.48
N ALA D 261 -34.68 -14.36 -45.71
CA ALA D 261 -33.23 -14.16 -45.62
C ALA D 261 -32.71 -13.05 -46.54
N ASP D 262 -33.41 -12.80 -47.64
CA ASP D 262 -33.01 -11.74 -48.58
C ASP D 262 -33.66 -10.37 -48.34
N SER D 263 -34.42 -10.23 -47.24
CA SER D 263 -35.05 -8.95 -46.90
C SER D 263 -34.02 -8.01 -46.27
N LEU D 264 -34.30 -6.71 -46.35
CA LEU D 264 -33.51 -5.73 -45.62
C LEU D 264 -33.83 -5.85 -44.13
N LYS D 265 -35.02 -6.35 -43.82
CA LYS D 265 -35.49 -6.49 -42.44
C LYS D 265 -34.94 -7.76 -41.80
N PHE D 266 -34.65 -7.67 -40.51
CA PHE D 266 -34.09 -8.79 -39.74
C PHE D 266 -34.94 -8.99 -38.48
N GLY D 267 -35.69 -10.10 -38.42
CA GLY D 267 -36.47 -10.43 -37.23
C GLY D 267 -35.55 -10.78 -36.07
N ILE D 268 -35.73 -10.12 -34.94
CA ILE D 268 -34.89 -10.39 -33.79
C ILE D 268 -35.72 -10.77 -32.55
N HIS D 269 -35.25 -11.75 -31.80
CA HIS D 269 -35.86 -12.10 -30.52
C HIS D 269 -35.37 -11.18 -29.39
N MET D 270 -36.20 -11.02 -28.36
CA MET D 270 -35.85 -10.16 -27.22
C MET D 270 -35.94 -10.86 -25.85
N MET D 271 -36.67 -11.97 -25.80
CA MET D 271 -36.77 -12.85 -24.64
C MET D 271 -36.93 -14.23 -25.23
N PRO D 272 -36.45 -15.27 -24.51
CA PRO D 272 -36.71 -16.62 -25.02
C PRO D 272 -38.22 -16.86 -25.13
N THR D 273 -38.60 -17.47 -26.24
CA THR D 273 -39.99 -17.83 -26.48
C THR D 273 -40.01 -18.97 -27.49
N ARG D 274 -41.03 -19.81 -27.43
CA ARG D 274 -41.23 -20.89 -28.40
C ARG D 274 -41.90 -20.39 -29.67
N ASP D 275 -42.66 -19.30 -29.56
CA ASP D 275 -43.42 -18.76 -30.69
C ASP D 275 -42.68 -17.60 -31.33
N ASP D 276 -42.20 -17.80 -32.55
CA ASP D 276 -41.45 -16.75 -33.25
C ASP D 276 -42.24 -15.46 -33.54
N TRP D 277 -43.56 -15.53 -33.49
CA TRP D 277 -44.39 -14.32 -33.75
C TRP D 277 -44.75 -13.56 -32.49
N LEU D 278 -44.45 -14.14 -31.33
CA LEU D 278 -44.92 -13.61 -30.05
C LEU D 278 -44.04 -12.46 -29.60
N THR D 279 -44.68 -11.42 -29.08
CA THR D 279 -43.98 -10.22 -28.62
C THR D 279 -44.50 -9.86 -27.23
N PRO D 280 -43.70 -9.10 -26.43
CA PRO D 280 -44.08 -8.73 -25.05
C PRO D 280 -45.41 -7.97 -24.86
N TRP D 281 -45.87 -7.25 -25.88
CA TRP D 281 -47.13 -6.51 -25.76
C TRP D 281 -48.33 -7.40 -26.06
N HIS D 282 -48.04 -8.66 -26.37
CA HIS D 282 -49.06 -9.67 -26.65
C HIS D 282 -49.05 -10.83 -25.63
N GLY D 283 -48.21 -10.72 -24.62
CA GLY D 283 -48.01 -11.84 -23.71
C GLY D 283 -47.57 -11.43 -22.33
N VAL D 284 -47.03 -12.40 -21.60
CA VAL D 284 -46.58 -12.21 -20.23
C VAL D 284 -45.20 -12.87 -20.02
N ALA D 285 -44.40 -12.26 -19.14
CA ALA D 285 -43.15 -12.87 -18.71
C ALA D 285 -43.48 -13.96 -17.69
N VAL D 286 -42.78 -15.10 -17.80
CA VAL D 286 -42.98 -16.23 -16.91
C VAL D 286 -41.64 -16.64 -16.34
N ASN D 287 -41.51 -16.55 -15.02
CA ASN D 287 -40.35 -17.06 -14.29
C ASN D 287 -40.55 -18.57 -14.12
N THR D 288 -39.86 -19.33 -14.96
CA THR D 288 -40.02 -20.78 -14.98
C THR D 288 -38.67 -21.46 -15.04
N GLU D 289 -38.45 -22.35 -14.07
CA GLU D 289 -37.18 -23.07 -13.87
C GLU D 289 -35.99 -22.09 -13.67
N ASP D 290 -36.24 -21.03 -12.91
CA ASP D 290 -35.27 -19.96 -12.66
C ASP D 290 -34.76 -19.21 -13.91
N ARG D 291 -35.56 -19.20 -14.98
CA ARG D 291 -35.32 -18.29 -16.10
C ARG D 291 -36.63 -17.63 -16.53
N PHE D 292 -36.53 -16.54 -17.28
CA PHE D 292 -37.70 -15.87 -17.81
C PHE D 292 -37.92 -16.24 -19.25
N VAL D 293 -39.16 -16.57 -19.57
CA VAL D 293 -39.59 -16.82 -20.94
C VAL D 293 -40.84 -15.97 -21.21
N LEU D 294 -41.11 -15.73 -22.49
CA LEU D 294 -42.32 -15.04 -22.89
C LEU D 294 -43.34 -16.07 -23.36
N MET D 295 -44.55 -15.99 -22.82
CA MET D 295 -45.65 -16.82 -23.33
C MET D 295 -46.99 -16.07 -23.25
N LYS D 296 -48.01 -16.59 -23.93
CA LYS D 296 -49.36 -16.01 -23.83
C LYS D 296 -49.92 -16.32 -22.44
N ARG D 297 -50.72 -15.40 -21.92
CA ARG D 297 -51.30 -15.50 -20.59
C ARG D 297 -52.15 -16.76 -20.37
N SER D 298 -52.92 -17.14 -21.39
CA SER D 298 -53.82 -18.29 -21.28
C SER D 298 -53.07 -19.63 -21.18
N GLU D 299 -51.95 -19.74 -21.87
CA GLU D 299 -51.19 -20.94 -21.84
C GLU D 299 -50.53 -21.07 -20.50
N VAL D 300 -50.05 -19.97 -19.96
CA VAL D 300 -49.42 -20.03 -18.66
C VAL D 300 -50.43 -20.36 -17.56
N LEU D 301 -51.65 -19.91 -17.72
CA LEU D 301 -52.65 -20.23 -16.75
C LEU D 301 -52.99 -21.70 -16.80
N GLU D 302 -53.02 -22.26 -17.99
CA GLU D 302 -53.33 -23.65 -18.14
C GLU D 302 -52.25 -24.54 -17.60
N LEU D 303 -51.07 -24.00 -17.35
CA LEU D 303 -49.97 -24.80 -16.87
C LEU D 303 -49.81 -24.62 -15.38
N GLY D 304 -50.69 -23.82 -14.81
CA GLY D 304 -50.74 -23.63 -13.36
C GLY D 304 -49.93 -22.45 -12.89
N GLY D 305 -49.65 -21.51 -13.81
CA GLY D 305 -48.88 -20.31 -13.48
C GLY D 305 -49.57 -19.48 -12.42
N GLU D 306 -48.76 -18.89 -11.53
CA GLU D 306 -49.28 -17.99 -10.49
C GLU D 306 -48.79 -16.58 -10.71
N LEU D 307 -49.70 -15.63 -10.50
CA LEU D 307 -49.40 -14.20 -10.65
C LEU D 307 -48.48 -13.70 -9.56
N VAL D 308 -47.51 -12.87 -9.96
CA VAL D 308 -46.57 -12.19 -9.07
C VAL D 308 -46.78 -10.69 -9.18
N GLN D 309 -46.78 -10.00 -8.04
CA GLN D 309 -46.88 -8.54 -7.99
C GLN D 309 -45.55 -7.94 -7.60
N ILE D 310 -45.26 -6.76 -8.16
CA ILE D 310 -44.07 -6.01 -7.78
C ILE D 310 -44.48 -4.55 -7.57
N ASN D 311 -44.08 -3.98 -6.43
CA ASN D 311 -44.51 -2.65 -6.03
C ASN D 311 -46.04 -2.51 -6.14
N GLY D 312 -46.73 -3.55 -5.71
CA GLY D 312 -48.20 -3.59 -5.65
C GLY D 312 -48.95 -3.67 -6.97
N GLN D 313 -48.23 -3.94 -8.07
CA GLN D 313 -48.83 -4.06 -9.40
C GLN D 313 -48.51 -5.41 -10.02
N PRO D 314 -49.47 -6.02 -10.73
CA PRO D 314 -49.22 -7.26 -11.48
C PRO D 314 -48.01 -7.14 -12.40
N SER D 315 -47.07 -8.07 -12.30
CA SER D 315 -45.77 -7.93 -12.99
C SER D 315 -45.51 -9.02 -14.02
N HIS D 316 -45.67 -10.27 -13.59
CA HIS D 316 -45.36 -11.46 -14.38
C HIS D 316 -45.96 -12.67 -13.68
N TYR D 317 -45.72 -13.85 -14.24
CA TYR D 317 -46.11 -15.10 -13.60
C TYR D 317 -44.91 -15.96 -13.19
N ARG D 318 -45.17 -16.91 -12.30
CA ARG D 318 -44.19 -17.91 -11.92
C ARG D 318 -44.78 -19.29 -12.16
N LEU D 319 -43.99 -20.14 -12.81
CA LEU D 319 -44.37 -21.54 -12.95
C LEU D 319 -43.77 -22.38 -11.84
N PRO D 320 -44.61 -22.66 -10.84
CA PRO D 320 -44.25 -23.46 -9.67
C PRO D 320 -44.04 -24.93 -10.04
#